data_2W7Y
#
_entry.id   2W7Y
#
_cell.length_a   36.990
_cell.length_b   104.900
_cell.length_c   97.700
_cell.angle_alpha   90.00
_cell.angle_beta   89.95
_cell.angle_gamma   90.00
#
_symmetry.space_group_name_H-M   'P 1 21 1'
#
loop_
_entity.id
_entity.type
_entity.pdbx_description
1 polymer 'PROBABLE SUGAR ABC TRANSPORTER, SUGAR-BINDING PROTEIN'
2 branched alpha-L-fucopyranose-(1-2)-[2-acetamido-2-deoxy-alpha-D-galactopyranose-(1-3)]beta-D-galactopyranose
3 non-polymer 'IODIDE ION'
4 water water
#
_entity_poly.entity_id   1
_entity_poly.type   'polypeptide(L)'
_entity_poly.pdbx_seq_one_letter_code
;(MSE)GSSHHHHHHSSGLVPRGSH(MSE)ASGTSKDASGGSSSGKEVLEFYHGYHHSEDEWPVAKT(MSE)RDLYDKFAE
EHKDSGVEFKPTPVNGDLKDI(MSE)NNKVASGEFPDVIDLAGNAVSLAAIEQKLVLDLKPYIDSNKLEKNVGLNYKQNQ
KDGKIYTVHEQLFT(MSE)GLWYNKDIFAKAGAKTPDQWNTWDDFTQA(MSE)ASIRKQDGVYAFGAGEPSIRLFNTVLG
TTENGRKLLDKPLTKEGIESKEFADALK(MSE)V(MSE)KEIQANGSKNAGGDANAYSKDFQEGKSAVFFNGVWASGE
(MSE)SKNPSLAPGIYPAGVAISSSGGGITISSK(MSE)SEAKQKLALEFLKY(MSE)TSDDVQKVIFEKVGANPSNENV
NVKELSEKSSEATTKILGQAITQVKNAKAVVPTVSDVWGGDVHTAIINALTESAAENVDVDQKVKSTQDVLKSLIG
;
_entity_poly.pdbx_strand_id   A,B
#
loop_
_chem_comp.id
_chem_comp.type
_chem_comp.name
_chem_comp.formula
A2G D-saccharide, alpha linking 2-acetamido-2-deoxy-alpha-D-galactopyranose 'C8 H15 N O6'
FUC L-saccharide, alpha linking alpha-L-fucopyranose 'C6 H12 O5'
GAL D-saccharide, beta linking beta-D-galactopyranose 'C6 H12 O6'
IOD non-polymer 'IODIDE ION' 'I -1'
#
# COMPACT_ATOMS: atom_id res chain seq x y z
N GLU A 38 -7.03 -7.31 -18.02
CA GLU A 38 -6.90 -7.28 -16.54
C GLU A 38 -8.13 -7.83 -15.84
N VAL A 39 -7.91 -8.52 -14.71
CA VAL A 39 -8.99 -9.13 -13.94
C VAL A 39 -8.96 -8.64 -12.49
N LEU A 40 -10.09 -8.09 -12.04
CA LEU A 40 -10.26 -7.72 -10.64
C LEU A 40 -11.00 -8.84 -9.90
N GLU A 41 -10.25 -9.55 -9.04
CA GLU A 41 -10.80 -10.68 -8.29
C GLU A 41 -11.51 -10.21 -7.01
N PHE A 42 -12.79 -10.57 -6.88
CA PHE A 42 -13.58 -10.18 -5.72
C PHE A 42 -14.01 -11.38 -4.89
N TYR A 43 -13.49 -11.46 -3.67
CA TYR A 43 -13.80 -12.57 -2.77
C TYR A 43 -14.94 -12.23 -1.82
N HIS A 44 -15.92 -13.13 -1.74
CA HIS A 44 -17.08 -13.01 -0.84
C HIS A 44 -17.47 -14.39 -0.27
N GLY A 45 -18.31 -14.40 0.77
CA GLY A 45 -18.73 -15.64 1.41
C GLY A 45 -20.15 -16.10 1.07
N TYR A 46 -20.72 -15.56 0.00
CA TYR A 46 -22.05 -15.97 -0.43
C TYR A 46 -21.96 -17.11 -1.44
N HIS A 47 -21.70 -18.31 -0.93
CA HIS A 47 -21.47 -19.52 -1.72
C HIS A 47 -22.70 -20.42 -1.77
N HIS A 48 -23.67 -20.11 -0.91
CA HIS A 48 -24.83 -20.96 -0.65
C HIS A 48 -25.71 -21.16 -1.87
N SER A 49 -26.17 -22.39 -2.05
CA SER A 49 -27.21 -22.68 -3.03
C SER A 49 -28.47 -21.95 -2.58
N GLU A 50 -29.29 -21.53 -3.53
CA GLU A 50 -30.49 -20.75 -3.20
C GLU A 50 -31.50 -21.55 -2.38
N ASP A 51 -31.33 -22.87 -2.33
CA ASP A 51 -32.15 -23.74 -1.49
C ASP A 51 -31.69 -23.83 -0.03
N GLU A 52 -30.41 -23.53 0.23
CA GLU A 52 -29.93 -23.45 1.62
C GLU A 52 -29.96 -22.03 2.18
N TRP A 53 -29.67 -21.03 1.34
CA TRP A 53 -29.77 -19.62 1.71
C TRP A 53 -29.98 -18.74 0.47
N PRO A 54 -31.25 -18.39 0.17
CA PRO A 54 -31.63 -17.58 -0.99
C PRO A 54 -30.93 -16.22 -1.06
N VAL A 55 -30.51 -15.70 0.09
CA VAL A 55 -29.81 -14.42 0.19
C VAL A 55 -28.50 -14.42 -0.60
N ALA A 56 -27.79 -15.53 -0.55
CA ALA A 56 -26.51 -15.69 -1.25
C ALA A 56 -26.67 -15.49 -2.76
N LYS A 57 -27.72 -16.09 -3.33
CA LYS A 57 -28.03 -15.99 -4.75
C LYS A 57 -28.37 -14.55 -5.14
N THR A 58 -29.15 -13.87 -4.30
CA THR A 58 -29.46 -12.45 -4.48
C THR A 58 -28.18 -11.62 -4.54
N MSE A 59 -27.26 -11.86 -3.61
CA MSE A 59 -25.97 -11.17 -3.57
C MSE A 59 -25.13 -11.42 -4.81
O MSE A 59 -24.59 -10.50 -5.39
CB MSE A 59 -25.18 -11.57 -2.33
CG MSE A 59 -25.79 -11.15 -1.00
SE MSE A 59 -25.90 -9.22 -0.78
CE MSE A 59 -26.13 -9.25 1.13
N ARG A 60 -25.05 -12.70 -5.21
CA ARG A 60 -24.32 -13.10 -6.42
C ARG A 60 -24.92 -12.48 -7.69
N ASP A 61 -26.24 -12.30 -7.70
CA ASP A 61 -26.93 -11.61 -8.80
C ASP A 61 -26.52 -10.14 -8.86
N LEU A 62 -26.41 -9.51 -7.69
CA LEU A 62 -25.90 -8.14 -7.55
C LEU A 62 -24.49 -7.97 -8.10
N TYR A 63 -23.63 -8.96 -7.85
CA TYR A 63 -22.22 -8.88 -8.24
C TYR A 63 -21.97 -9.00 -9.74
N ASP A 64 -22.51 -10.05 -10.37
CA ASP A 64 -22.24 -10.27 -11.80
C ASP A 64 -23.07 -9.37 -12.71
N LYS A 65 -24.02 -8.66 -12.11
CA LYS A 65 -24.74 -7.57 -12.75
C LYS A 65 -23.84 -6.33 -12.85
N PHE A 66 -22.99 -6.14 -11.84
CA PHE A 66 -21.92 -5.13 -11.88
C PHE A 66 -20.89 -5.49 -12.96
N ALA A 67 -20.56 -6.78 -13.05
CA ALA A 67 -19.60 -7.28 -14.04
C ALA A 67 -20.05 -7.01 -15.48
N GLU A 68 -21.34 -7.24 -15.75
CA GLU A 68 -21.92 -7.01 -17.07
C GLU A 68 -22.05 -5.52 -17.40
N GLU A 69 -22.19 -4.72 -16.34
CA GLU A 69 -22.24 -3.26 -16.42
C GLU A 69 -20.90 -2.69 -16.86
N HIS A 70 -19.83 -3.46 -16.63
CA HIS A 70 -18.47 -3.04 -16.93
C HIS A 70 -17.77 -3.99 -17.92
N SER A 73 -15.42 -2.47 -20.06
CA SER A 73 -14.15 -1.75 -20.16
C SER A 73 -12.95 -2.71 -20.05
N GLY A 74 -11.74 -2.15 -19.97
CA GLY A 74 -10.49 -2.92 -20.06
C GLY A 74 -10.13 -3.80 -18.88
N VAL A 75 -10.94 -3.75 -17.83
CA VAL A 75 -10.76 -4.59 -16.64
C VAL A 75 -12.06 -5.33 -16.34
N GLU A 76 -11.99 -6.65 -16.21
CA GLU A 76 -13.18 -7.45 -15.93
C GLU A 76 -13.32 -7.81 -14.45
N PHE A 77 -14.56 -7.77 -13.98
CA PHE A 77 -14.89 -8.04 -12.60
C PHE A 77 -15.16 -9.54 -12.42
N LYS A 78 -14.47 -10.15 -11.46
CA LYS A 78 -14.60 -11.58 -11.20
C LYS A 78 -14.95 -11.89 -9.73
N PRO A 79 -16.25 -12.12 -9.45
CA PRO A 79 -16.65 -12.56 -8.13
C PRO A 79 -16.28 -14.02 -7.89
N THR A 80 -15.66 -14.28 -6.74
CA THR A 80 -15.24 -15.62 -6.35
C THR A 80 -15.86 -15.96 -5.00
N PRO A 81 -16.88 -16.84 -5.00
CA PRO A 81 -17.53 -17.27 -3.76
C PRO A 81 -16.62 -18.20 -2.96
N VAL A 82 -16.39 -17.85 -1.71
CA VAL A 82 -15.47 -18.61 -0.85
C VAL A 82 -16.24 -19.53 0.10
N ASN A 83 -15.98 -20.82 -0.01
CA ASN A 83 -16.52 -21.81 0.91
C ASN A 83 -15.49 -22.09 1.99
N GLY A 84 -15.73 -21.55 3.19
CA GLY A 84 -14.78 -21.62 4.28
C GLY A 84 -14.48 -20.24 4.84
N ASP A 85 -13.33 -20.11 5.51
CA ASP A 85 -12.99 -18.87 6.19
C ASP A 85 -12.51 -17.79 5.22
N LEU A 86 -13.19 -16.65 5.25
CA LEU A 86 -12.81 -15.46 4.47
C LEU A 86 -11.54 -14.82 4.99
N LYS A 87 -11.32 -14.95 6.31
CA LYS A 87 -10.12 -14.39 6.95
C LYS A 87 -8.84 -15.06 6.45
N ASP A 88 -8.93 -16.34 6.08
CA ASP A 88 -7.80 -17.07 5.52
C ASP A 88 -7.35 -16.51 4.16
N ILE A 89 -8.31 -16.18 3.29
CA ILE A 89 -7.99 -15.53 2.00
C ILE A 89 -7.15 -14.28 2.21
N MSE A 90 -7.57 -13.45 3.15
CA MSE A 90 -6.85 -12.21 3.49
C MSE A 90 -5.49 -12.48 4.13
O MSE A 90 -4.48 -11.96 3.65
CB MSE A 90 -7.72 -11.34 4.42
CG MSE A 90 -7.03 -10.10 4.96
SE MSE A 90 -8.21 -8.98 6.05
CE MSE A 90 -8.68 -10.26 7.44
N ASN A 91 -5.48 -13.27 5.21
CA ASN A 91 -4.27 -13.50 6.01
C ASN A 91 -3.16 -14.26 5.28
N ASN A 92 -3.55 -15.17 4.38
CA ASN A 92 -2.58 -15.87 3.56
C ASN A 92 -1.90 -14.94 2.54
N LYS A 93 -2.63 -13.93 2.08
CA LYS A 93 -2.05 -12.93 1.20
C LYS A 93 -1.22 -11.87 1.95
N VAL A 94 -1.70 -11.45 3.12
CA VAL A 94 -0.97 -10.51 4.00
C VAL A 94 0.42 -11.04 4.35
N ALA A 95 0.51 -12.33 4.71
CA ALA A 95 1.78 -13.03 4.78
C ALA A 95 2.30 -13.15 3.35
N SER A 96 3.54 -12.71 3.12
CA SER A 96 4.12 -12.52 1.78
C SER A 96 3.75 -11.17 1.15
N GLY A 97 3.22 -10.26 1.97
CA GLY A 97 3.09 -8.84 1.64
C GLY A 97 2.11 -8.46 0.55
N GLU A 98 1.02 -9.22 0.45
CA GLU A 98 0.01 -8.98 -0.59
C GLU A 98 -1.39 -8.79 0.01
N PHE A 99 -2.38 -8.57 -0.85
CA PHE A 99 -3.76 -8.42 -0.43
C PHE A 99 -4.68 -8.87 -1.58
N PRO A 100 -5.81 -9.52 -1.25
CA PRO A 100 -6.79 -9.84 -2.29
C PRO A 100 -7.29 -8.55 -2.95
N ASP A 101 -7.40 -8.56 -4.28
CA ASP A 101 -7.82 -7.37 -5.03
C ASP A 101 -8.99 -6.65 -4.34
N VAL A 102 -10.08 -7.39 -4.16
CA VAL A 102 -11.25 -6.90 -3.42
C VAL A 102 -11.73 -8.07 -2.55
N ILE A 103 -12.02 -7.78 -1.28
CA ILE A 103 -12.65 -8.77 -0.42
C ILE A 103 -13.78 -8.15 0.40
N ASP A 104 -14.93 -8.84 0.44
CA ASP A 104 -16.00 -8.51 1.36
C ASP A 104 -15.82 -9.35 2.61
N LEU A 105 -15.42 -8.68 3.69
CA LEU A 105 -15.06 -9.33 4.93
C LEU A 105 -16.27 -9.80 5.74
N ALA A 106 -17.45 -9.30 5.37
CA ALA A 106 -18.73 -9.77 5.93
C ALA A 106 -18.82 -9.67 7.47
N GLY A 107 -18.33 -8.55 8.00
CA GLY A 107 -18.33 -8.30 9.44
C GLY A 107 -16.97 -8.51 10.10
N ASN A 108 -16.12 -9.32 9.45
CA ASN A 108 -14.78 -9.60 9.95
C ASN A 108 -13.89 -8.37 9.92
N ALA A 109 -12.99 -8.26 10.90
CA ALA A 109 -12.10 -7.10 10.99
C ALA A 109 -10.94 -7.20 10.00
N VAL A 110 -10.49 -6.05 9.52
CA VAL A 110 -9.29 -5.96 8.68
C VAL A 110 -8.07 -6.38 9.50
N SER A 111 -7.15 -7.06 8.84
CA SER A 111 -5.86 -7.40 9.44
C SER A 111 -5.12 -6.13 9.85
N LEU A 112 -4.64 -6.11 11.09
CA LEU A 112 -3.87 -4.97 11.59
C LEU A 112 -2.47 -4.93 10.96
N ALA A 113 -1.94 -6.10 10.60
CA ALA A 113 -0.69 -6.23 9.87
C ALA A 113 -0.81 -5.69 8.44
N ALA A 114 -1.99 -5.84 7.84
CA ALA A 114 -2.26 -5.32 6.51
C ALA A 114 -2.24 -3.79 6.49
N ILE A 115 -2.81 -3.19 7.53
CA ILE A 115 -2.82 -1.74 7.68
C ILE A 115 -1.41 -1.18 7.95
N GLU A 116 -0.63 -1.87 8.77
CA GLU A 116 0.74 -1.45 9.09
C GLU A 116 1.66 -1.50 7.85
N GLN A 117 1.42 -2.49 7.00
CA GLN A 117 2.19 -2.68 5.77
C GLN A 117 1.57 -1.93 4.60
N LYS A 118 0.52 -1.15 4.90
CA LYS A 118 -0.39 -0.50 3.93
C LYS A 118 -0.73 -1.33 2.69
N LEU A 119 -1.16 -2.56 2.94
CA LEU A 119 -1.65 -3.47 1.91
C LEU A 119 -3.07 -3.09 1.48
N VAL A 120 -3.67 -2.17 2.23
CA VAL A 120 -5.09 -1.80 2.08
C VAL A 120 -5.22 -0.33 1.68
N LEU A 121 -6.16 -0.05 0.77
CA LEU A 121 -6.41 1.32 0.30
C LEU A 121 -7.28 2.13 1.27
N ASP A 122 -6.91 3.38 1.46
CA ASP A 122 -7.73 4.34 2.21
C ASP A 122 -8.90 4.77 1.34
N LEU A 123 -10.11 4.49 1.82
CA LEU A 123 -11.34 4.68 1.06
C LEU A 123 -11.97 6.06 1.25
N LYS A 124 -11.57 6.75 2.31
CA LYS A 124 -12.20 8.03 2.69
C LYS A 124 -12.10 9.13 1.63
N PRO A 125 -10.89 9.39 1.06
CA PRO A 125 -10.78 10.35 -0.03
C PRO A 125 -11.78 10.15 -1.16
N TYR A 126 -11.96 8.91 -1.64
CA TYR A 126 -12.93 8.61 -2.71
C TYR A 126 -14.38 8.85 -2.27
N ILE A 127 -14.71 8.49 -1.03
CA ILE A 127 -16.03 8.72 -0.47
C ILE A 127 -16.32 10.23 -0.36
N ASP A 128 -15.30 11.01 -0.04
CA ASP A 128 -15.47 12.42 0.33
C ASP A 128 -16.17 13.34 -0.70
N SER A 129 -16.03 13.09 -2.00
CA SER A 129 -14.94 13.53 -2.88
C SER A 129 -15.94 13.16 -4.01
N ASN A 130 -16.63 12.04 -3.78
CA ASN A 130 -17.82 11.59 -4.52
C ASN A 130 -19.13 11.69 -3.73
N LYS A 131 -19.09 12.40 -2.59
CA LYS A 131 -20.27 12.70 -1.77
C LYS A 131 -21.05 11.44 -1.34
N LEU A 132 -20.34 10.51 -0.69
CA LEU A 132 -20.93 9.24 -0.29
C LEU A 132 -20.91 9.01 1.22
N GLU A 133 -20.90 10.11 2.00
CA GLU A 133 -20.98 10.04 3.47
C GLU A 133 -22.24 9.30 3.91
N LYS A 134 -23.38 9.69 3.33
CA LYS A 134 -24.68 9.10 3.63
C LYS A 134 -24.81 7.65 3.16
N ASN A 135 -24.17 7.35 2.03
CA ASN A 135 -24.20 6.02 1.43
C ASN A 135 -23.49 4.96 2.25
N VAL A 136 -22.39 5.34 2.90
CA VAL A 136 -21.61 4.41 3.74
C VAL A 136 -22.10 4.40 5.19
N GLY A 137 -22.85 5.45 5.55
CA GLY A 137 -23.50 5.57 6.85
C GLY A 137 -22.58 5.46 8.05
N LEU A 138 -22.86 4.47 8.91
CA LEU A 138 -22.12 4.25 10.14
C LEU A 138 -20.62 3.92 9.93
N ASN A 139 -20.29 3.35 8.77
CA ASN A 139 -18.90 3.09 8.39
C ASN A 139 -18.03 4.35 8.44
N TYR A 140 -18.60 5.49 8.07
CA TYR A 140 -17.87 6.74 7.93
C TYR A 140 -17.17 7.18 9.21
N LYS A 141 -17.88 7.16 10.32
CA LYS A 141 -17.31 7.56 11.61
C LYS A 141 -16.62 6.39 12.31
N GLN A 142 -17.26 5.22 12.29
CA GLN A 142 -16.83 4.08 13.08
C GLN A 142 -15.65 3.28 12.49
N ASN A 143 -15.60 3.18 11.16
CA ASN A 143 -14.47 2.53 10.49
C ASN A 143 -13.31 3.49 10.19
N GLN A 144 -13.36 4.68 10.79
CA GLN A 144 -12.29 5.66 10.67
C GLN A 144 -11.19 5.40 11.70
N LYS A 145 -10.01 5.07 11.16
CA LYS A 145 -8.80 4.87 11.96
C LYS A 145 -7.79 5.95 11.63
N ASP A 146 -7.69 6.94 12.51
CA ASP A 146 -6.84 8.12 12.31
C ASP A 146 -7.19 8.87 11.01
N GLY A 147 -8.49 9.09 10.79
CA GLY A 147 -8.97 9.80 9.60
C GLY A 147 -8.91 8.99 8.31
N LYS A 148 -8.65 7.69 8.43
CA LYS A 148 -8.56 6.80 7.28
C LYS A 148 -9.61 5.68 7.38
N ILE A 149 -10.28 5.40 6.26
CA ILE A 149 -11.25 4.30 6.20
C ILE A 149 -10.75 3.17 5.29
N TYR A 150 -10.51 2.01 5.89
CA TYR A 150 -9.94 0.89 5.15
C TYR A 150 -11.00 -0.12 4.67
N THR A 151 -12.21 -0.02 5.21
CA THR A 151 -13.27 -0.98 4.91
C THR A 151 -14.67 -0.38 5.05
N VAL A 152 -15.57 -0.79 4.16
CA VAL A 152 -16.97 -0.35 4.20
C VAL A 152 -17.90 -1.55 4.06
N HIS A 153 -18.68 -1.79 5.12
CA HIS A 153 -19.65 -2.87 5.14
C HIS A 153 -20.99 -2.35 4.62
N GLU A 154 -21.44 -2.88 3.48
CA GLU A 154 -22.74 -2.50 2.88
C GLU A 154 -23.95 -2.91 3.72
N GLN A 155 -23.75 -3.88 4.61
CA GLN A 155 -24.76 -4.28 5.58
C GLN A 155 -24.24 -3.98 6.96
N LEU A 156 -25.01 -3.22 7.74
CA LEU A 156 -24.59 -2.84 9.09
C LEU A 156 -24.66 -4.00 10.08
N PHE A 157 -23.69 -4.04 10.99
CA PHE A 157 -23.64 -5.05 12.04
C PHE A 157 -24.58 -4.65 13.18
N THR A 158 -25.86 -4.55 12.84
CA THR A 158 -26.92 -4.14 13.75
C THR A 158 -27.43 -5.40 14.45
N MSE A 159 -27.20 -5.49 15.75
CA MSE A 159 -27.44 -6.74 16.48
C MSE A 159 -28.11 -6.60 17.85
O MSE A 159 -27.53 -6.04 18.79
CB MSE A 159 -26.14 -7.53 16.58
CG MSE A 159 -26.18 -8.67 17.58
SE MSE A 159 -24.75 -9.95 17.28
CE MSE A 159 -23.25 -8.74 17.24
N GLY A 160 -29.32 -7.13 17.96
CA GLY A 160 -29.94 -7.42 19.25
C GLY A 160 -29.87 -8.91 19.47
N LEU A 161 -30.99 -9.51 19.86
CA LEU A 161 -31.06 -10.97 19.99
C LEU A 161 -32.44 -11.49 19.59
N TRP A 162 -32.60 -12.81 19.60
CA TRP A 162 -33.88 -13.43 19.27
C TRP A 162 -34.31 -14.39 20.38
N TYR A 163 -35.62 -14.47 20.62
CA TYR A 163 -36.14 -15.36 21.65
C TYR A 163 -37.44 -16.03 21.24
N ASN A 164 -37.69 -17.22 21.79
CA ASN A 164 -38.93 -17.94 21.55
C ASN A 164 -39.98 -17.55 22.58
N LYS A 165 -41.02 -16.86 22.12
CA LYS A 165 -42.10 -16.36 22.97
C LYS A 165 -42.86 -17.47 23.71
N ASP A 166 -43.03 -18.61 23.03
CA ASP A 166 -43.77 -19.75 23.60
C ASP A 166 -43.03 -20.46 24.72
N ILE A 167 -41.74 -20.69 24.51
CA ILE A 167 -40.88 -21.30 25.53
C ILE A 167 -40.78 -20.42 26.79
N PHE A 168 -40.63 -19.11 26.59
CA PHE A 168 -40.58 -18.15 27.70
C PHE A 168 -41.89 -18.14 28.51
N ALA A 169 -43.02 -18.11 27.79
CA ALA A 169 -44.33 -18.09 28.42
C ALA A 169 -44.58 -19.34 29.25
N LYS A 170 -44.17 -20.49 28.72
CA LYS A 170 -44.32 -21.79 29.39
C LYS A 170 -43.44 -21.95 30.63
N ALA A 171 -42.25 -21.34 30.58
CA ALA A 171 -41.31 -21.36 31.70
C ALA A 171 -41.68 -20.34 32.77
N GLY A 172 -42.57 -19.40 32.43
CA GLY A 172 -42.89 -18.26 33.28
C GLY A 172 -41.70 -17.32 33.40
N ALA A 173 -40.93 -17.22 32.32
CA ALA A 173 -39.68 -16.47 32.33
C ALA A 173 -39.88 -15.04 31.81
N LYS A 174 -39.19 -14.09 32.45
CA LYS A 174 -39.17 -12.70 32.00
C LYS A 174 -38.64 -12.62 30.58
N THR A 175 -39.36 -11.91 29.71
CA THR A 175 -38.94 -11.73 28.33
C THR A 175 -37.85 -10.65 28.27
N PRO A 176 -37.04 -10.61 27.19
CA PRO A 176 -35.95 -9.63 27.04
C PRO A 176 -36.27 -8.17 27.40
N ASP A 177 -37.49 -7.72 27.12
CA ASP A 177 -37.92 -6.36 27.47
C ASP A 177 -38.08 -6.16 28.99
N GLN A 178 -38.09 -7.26 29.74
CA GLN A 178 -38.21 -7.21 31.20
C GLN A 178 -36.85 -7.37 31.90
N TRP A 179 -35.81 -7.62 31.12
CA TRP A 179 -34.46 -7.81 31.68
C TRP A 179 -33.79 -6.48 31.97
N ASN A 180 -34.02 -5.95 33.18
CA ASN A 180 -33.43 -4.69 33.59
C ASN A 180 -32.01 -4.84 34.12
N THR A 181 -31.71 -6.05 34.62
CA THR A 181 -30.38 -6.38 35.11
C THR A 181 -29.90 -7.72 34.55
N TRP A 182 -28.61 -8.00 34.71
CA TRP A 182 -28.01 -9.27 34.35
C TRP A 182 -28.66 -10.44 35.08
N ASP A 183 -28.94 -10.23 36.37
CA ASP A 183 -29.59 -11.24 37.21
C ASP A 183 -30.98 -11.66 36.71
N ASP A 184 -31.73 -10.71 36.15
CA ASP A 184 -33.02 -11.01 35.50
C ASP A 184 -32.85 -11.98 34.33
N PHE A 185 -31.81 -11.77 33.54
CA PHE A 185 -31.49 -12.63 32.40
C PHE A 185 -31.12 -14.04 32.84
N THR A 186 -30.25 -14.15 33.85
CA THR A 186 -29.80 -15.44 34.38
C THR A 186 -30.93 -16.19 35.09
N GLN A 187 -31.83 -15.46 35.74
CA GLN A 187 -33.01 -16.05 36.38
C GLN A 187 -34.03 -16.55 35.35
N ALA A 188 -34.12 -15.83 34.24
CA ALA A 188 -34.96 -16.24 33.11
C ALA A 188 -34.41 -17.52 32.46
N MSE A 189 -33.08 -17.55 32.32
CA MSE A 189 -32.37 -18.70 31.77
C MSE A 189 -32.49 -19.93 32.67
O MSE A 189 -32.68 -21.04 32.16
CB MSE A 189 -30.90 -18.35 31.54
CG MSE A 189 -30.46 -18.36 30.08
SE MSE A 189 -31.61 -17.47 28.78
CE MSE A 189 -32.79 -18.91 28.25
N ALA A 190 -32.38 -19.73 33.97
CA ALA A 190 -32.56 -20.80 34.96
C ALA A 190 -33.97 -21.41 34.89
N SER A 191 -34.98 -20.56 34.80
CA SER A 191 -36.39 -20.98 34.66
C SER A 191 -36.63 -21.86 33.43
N ILE A 192 -36.00 -21.50 32.32
CA ILE A 192 -36.17 -22.19 31.05
C ILE A 192 -35.51 -23.57 31.07
N ARG A 193 -34.38 -23.66 31.77
CA ARG A 193 -33.65 -24.92 31.93
C ARG A 193 -34.38 -25.92 32.82
N LYS A 194 -35.31 -25.44 33.65
CA LYS A 194 -36.15 -26.32 34.48
C LYS A 194 -37.12 -27.14 33.61
N GLN A 195 -37.33 -26.66 32.39
CA GLN A 195 -38.10 -27.39 31.37
C GLN A 195 -37.13 -28.30 30.62
N ASP A 196 -37.59 -29.47 30.21
CA ASP A 196 -36.75 -30.36 29.41
C ASP A 196 -37.15 -30.37 27.93
N GLY A 197 -36.20 -30.77 27.09
CA GLY A 197 -36.39 -30.75 25.64
C GLY A 197 -35.71 -29.55 25.03
N VAL A 198 -35.54 -28.50 25.83
CA VAL A 198 -34.89 -27.26 25.37
C VAL A 198 -33.66 -26.88 26.21
N TYR A 199 -32.66 -26.34 25.54
CA TYR A 199 -31.55 -25.67 26.22
C TYR A 199 -31.74 -24.17 26.11
N ALA A 200 -31.06 -23.42 26.98
CA ALA A 200 -31.25 -21.98 27.08
C ALA A 200 -30.79 -21.24 25.81
N PHE A 201 -29.49 -21.30 25.54
CA PHE A 201 -28.90 -20.66 24.35
C PHE A 201 -27.69 -21.43 23.86
N GLY A 202 -27.34 -21.19 22.59
CA GLY A 202 -26.07 -21.68 22.06
C GLY A 202 -24.91 -20.82 22.51
N ALA A 203 -23.83 -21.46 22.94
CA ALA A 203 -22.61 -20.76 23.35
C ALA A 203 -21.46 -21.04 22.39
N GLY A 204 -20.43 -20.20 22.44
CA GLY A 204 -19.33 -20.26 21.48
C GLY A 204 -19.09 -18.85 20.97
N GLU A 205 -19.21 -18.68 19.66
CA GLU A 205 -19.25 -17.34 19.05
C GLU A 205 -20.34 -16.44 19.66
N PRO A 206 -21.58 -16.96 19.81
CA PRO A 206 -22.65 -16.13 20.39
C PRO A 206 -22.41 -15.62 21.82
N SER A 207 -21.51 -16.26 22.56
CA SER A 207 -21.26 -15.86 23.95
C SER A 207 -20.49 -14.55 24.10
N ILE A 208 -19.74 -14.17 23.06
CA ILE A 208 -19.03 -12.89 23.07
C ILE A 208 -20.00 -11.71 22.98
N ARG A 209 -21.20 -11.96 22.45
CA ARG A 209 -22.25 -10.94 22.36
C ARG A 209 -22.80 -10.63 23.75
N LEU A 210 -22.76 -11.61 24.64
CA LEU A 210 -23.11 -11.41 26.04
C LEU A 210 -22.04 -10.60 26.78
N PHE A 211 -20.76 -10.92 26.52
CA PHE A 211 -19.63 -10.17 27.07
C PHE A 211 -19.61 -8.73 26.56
N ASN A 212 -19.77 -8.56 25.24
CA ASN A 212 -19.78 -7.27 24.57
C ASN A 212 -20.82 -6.32 25.16
N THR A 213 -22.01 -6.86 25.44
CA THR A 213 -23.13 -6.05 25.90
C THR A 213 -23.14 -5.82 27.41
N VAL A 214 -22.65 -6.78 28.20
CA VAL A 214 -22.62 -6.64 29.66
C VAL A 214 -21.54 -5.66 30.09
N LEU A 215 -20.48 -5.55 29.28
CA LEU A 215 -19.45 -4.54 29.48
C LEU A 215 -20.04 -3.15 29.28
N GLY A 216 -20.93 -3.01 28.30
CA GLY A 216 -21.61 -1.73 28.01
C GLY A 216 -22.67 -1.32 29.01
N THR A 217 -22.70 -1.99 30.17
CA THR A 217 -23.69 -1.75 31.21
C THR A 217 -23.23 -0.65 32.18
N THR A 218 -21.94 -0.30 32.11
CA THR A 218 -21.38 0.80 32.88
C THR A 218 -20.66 1.78 31.96
N GLU A 219 -20.46 3.02 32.44
CA GLU A 219 -19.72 4.04 31.70
C GLU A 219 -18.28 3.61 31.43
N ASN A 220 -17.61 3.07 32.44
CA ASN A 220 -16.23 2.59 32.33
C ASN A 220 -16.06 1.46 31.30
N GLY A 221 -17.05 0.58 31.24
CA GLY A 221 -17.08 -0.50 30.25
C GLY A 221 -17.31 -0.01 28.83
N ARG A 222 -18.10 1.06 28.69
CA ARG A 222 -18.40 1.66 27.39
C ARG A 222 -17.18 2.36 26.79
N LYS A 223 -16.43 3.09 27.61
CA LYS A 223 -15.24 3.79 27.13
C LYS A 223 -14.07 2.84 26.82
N LEU A 224 -14.08 1.68 27.46
CA LEU A 224 -13.19 0.57 27.09
C LEU A 224 -13.39 0.16 25.64
N LEU A 225 -14.65 0.14 25.20
CA LEU A 225 -15.02 -0.20 23.83
C LEU A 225 -14.97 1.00 22.85
N ASP A 226 -14.38 2.10 23.29
CA ASP A 226 -14.18 3.30 22.45
C ASP A 226 -12.77 3.33 21.85
N LYS A 227 -11.84 2.68 22.52
CA LYS A 227 -10.43 2.68 22.13
C LYS A 227 -9.94 1.24 21.93
N PRO A 228 -8.76 1.07 21.28
CA PRO A 228 -8.07 -0.22 21.31
C PRO A 228 -7.84 -0.70 22.75
N LEU A 229 -7.76 -2.02 22.93
CA LEU A 229 -7.62 -2.63 24.25
C LEU A 229 -6.21 -2.43 24.83
N THR A 230 -6.16 -2.07 26.11
CA THR A 230 -4.90 -1.89 26.83
C THR A 230 -4.82 -2.86 28.03
N LYS A 231 -3.62 -3.05 28.56
CA LYS A 231 -3.38 -3.95 29.69
C LYS A 231 -4.18 -3.55 30.92
N GLU A 232 -4.20 -2.25 31.21
CA GLU A 232 -5.00 -1.71 32.31
C GLU A 232 -6.50 -1.86 32.05
N GLY A 233 -6.90 -1.80 30.78
CA GLY A 233 -8.28 -2.03 30.39
C GLY A 233 -8.71 -3.48 30.60
N ILE A 234 -7.80 -4.40 30.34
CA ILE A 234 -8.01 -5.82 30.61
C ILE A 234 -8.18 -6.11 32.12
N GLU A 235 -8.06 -5.08 32.97
CA GLU A 235 -7.73 -5.35 34.36
C GLU A 235 -8.16 -4.47 35.57
N SER A 236 -8.72 -3.27 35.44
CA SER A 236 -10.12 -2.99 35.10
C SER A 236 -11.13 -4.02 35.64
N LYS A 237 -11.78 -3.63 36.74
CA LYS A 237 -12.78 -4.43 37.43
C LYS A 237 -13.97 -4.76 36.54
N GLU A 238 -14.39 -3.79 35.73
CA GLU A 238 -15.48 -3.96 34.77
C GLU A 238 -15.20 -5.07 33.74
N PHE A 239 -13.97 -5.11 33.23
CA PHE A 239 -13.53 -6.14 32.29
C PHE A 239 -13.53 -7.52 32.96
N ALA A 240 -13.04 -7.57 34.19
CA ALA A 240 -12.95 -8.82 34.96
C ALA A 240 -14.32 -9.34 35.40
N ASP A 241 -15.20 -8.42 35.82
CA ASP A 241 -16.57 -8.77 36.22
C ASP A 241 -17.40 -9.29 35.06
N ALA A 242 -17.26 -8.66 33.90
CA ALA A 242 -18.01 -9.05 32.71
C ALA A 242 -17.62 -10.47 32.29
N LEU A 243 -16.32 -10.69 32.18
CA LEU A 243 -15.74 -12.00 31.90
C LEU A 243 -16.32 -13.07 32.84
N LYS A 244 -16.36 -12.77 34.14
CA LYS A 244 -16.80 -13.72 35.17
C LYS A 244 -18.31 -14.01 35.14
N MSE A 245 -19.11 -12.96 34.98
CA MSE A 245 -20.56 -13.06 34.85
C MSE A 245 -20.99 -13.98 33.70
O MSE A 245 -21.86 -14.82 33.87
CB MSE A 245 -21.18 -11.68 34.60
CG MSE A 245 -21.46 -10.86 35.84
SE MSE A 245 -21.42 -8.96 35.39
CE MSE A 245 -22.86 -8.31 36.55
N VAL A 246 -20.34 -13.80 32.55
CA VAL A 246 -20.67 -14.52 31.32
C VAL A 246 -20.20 -15.99 31.39
N MSE A 247 -18.98 -16.19 31.87
CA MSE A 247 -18.42 -17.54 32.07
C MSE A 247 -19.23 -18.39 33.04
O MSE A 247 -19.37 -19.60 32.83
CB MSE A 247 -16.98 -17.45 32.55
CG MSE A 247 -16.00 -17.06 31.47
SE MSE A 247 -14.18 -16.89 32.16
CE MSE A 247 -13.24 -16.78 30.46
N LYS A 248 -19.75 -17.79 34.10
CA LYS A 248 -20.63 -18.47 35.06
C LYS A 248 -21.94 -18.91 34.39
N GLU A 249 -22.47 -18.04 33.54
CA GLU A 249 -23.70 -18.31 32.80
C GLU A 249 -23.49 -19.35 31.69
N ILE A 250 -22.35 -19.28 31.04
CA ILE A 250 -21.96 -20.25 30.01
C ILE A 250 -21.74 -21.65 30.62
N GLN A 251 -21.20 -21.69 31.84
CA GLN A 251 -20.98 -22.95 32.55
C GLN A 251 -22.32 -23.56 33.01
N ALA A 252 -23.21 -22.69 33.50
CA ALA A 252 -24.56 -23.08 33.89
C ALA A 252 -25.39 -23.52 32.68
N ASN A 253 -25.05 -22.96 31.52
CA ASN A 253 -25.72 -23.29 30.26
C ASN A 253 -25.43 -24.72 29.78
N GLY A 254 -24.33 -25.30 30.27
CA GLY A 254 -23.95 -26.67 29.94
C GLY A 254 -22.84 -26.76 28.91
N SER A 255 -21.87 -27.63 29.18
CA SER A 255 -20.74 -27.87 28.28
C SER A 255 -21.18 -28.47 26.94
N LYS A 256 -22.33 -29.16 26.97
CA LYS A 256 -22.93 -29.76 25.79
C LYS A 256 -23.38 -28.70 24.77
N ASN A 257 -23.63 -27.48 25.25
CA ASN A 257 -24.23 -26.44 24.42
C ASN A 257 -23.29 -25.31 23.99
N ALA A 258 -21.98 -25.58 24.02
CA ALA A 258 -20.97 -24.57 23.63
C ALA A 258 -20.11 -24.99 22.44
N GLY A 259 -20.48 -26.09 21.77
CA GLY A 259 -19.71 -26.59 20.64
C GLY A 259 -20.17 -26.10 19.27
N GLY A 260 -20.18 -24.77 19.07
CA GLY A 260 -20.46 -24.22 17.74
C GLY A 260 -20.53 -22.71 17.58
N ASP A 261 -20.73 -22.29 16.32
CA ASP A 261 -20.94 -20.87 15.98
C ASP A 261 -22.42 -20.58 15.74
N ALA A 262 -22.75 -19.30 15.53
CA ALA A 262 -24.13 -18.86 15.35
C ALA A 262 -24.88 -19.60 14.24
N ASN A 263 -24.15 -19.95 13.18
CA ASN A 263 -24.73 -20.63 12.03
C ASN A 263 -25.29 -22.02 12.34
N ALA A 264 -24.67 -22.71 13.30
CA ALA A 264 -25.09 -24.06 13.67
C ALA A 264 -26.12 -24.09 14.80
N TYR A 265 -26.39 -22.92 15.39
CA TYR A 265 -27.42 -22.78 16.42
C TYR A 265 -28.74 -22.24 15.86
N SER A 266 -28.70 -21.74 14.64
CA SER A 266 -29.87 -21.16 13.97
C SER A 266 -30.97 -22.19 13.75
N LYS A 267 -30.58 -23.36 13.25
CA LYS A 267 -31.50 -24.45 12.96
C LYS A 267 -32.29 -24.88 14.21
N ASP A 268 -31.57 -25.13 15.30
CA ASP A 268 -32.15 -25.53 16.58
C ASP A 268 -33.20 -24.53 17.05
N PHE A 269 -32.89 -23.25 16.91
CA PHE A 269 -33.75 -22.16 17.33
C PHE A 269 -35.03 -22.09 16.48
N GLN A 270 -34.86 -22.24 15.16
CA GLN A 270 -35.98 -22.30 14.22
C GLN A 270 -36.91 -23.47 14.52
N GLU A 271 -36.36 -24.54 15.08
CA GLU A 271 -37.11 -25.76 15.36
C GLU A 271 -37.64 -25.81 16.80
N GLY A 272 -37.38 -24.74 17.55
CA GLY A 272 -37.88 -24.63 18.93
C GLY A 272 -37.13 -25.47 19.94
N LYS A 273 -35.84 -25.71 19.67
CA LYS A 273 -34.99 -26.50 20.56
C LYS A 273 -34.20 -25.64 21.55
N SER A 274 -34.16 -24.33 21.29
CA SER A 274 -33.52 -23.38 22.20
C SER A 274 -34.41 -22.17 22.45
N ALA A 275 -34.14 -21.45 23.54
CA ALA A 275 -35.00 -20.34 23.97
C ALA A 275 -34.54 -18.99 23.43
N VAL A 276 -33.24 -18.79 23.38
CA VAL A 276 -32.67 -17.53 22.89
C VAL A 276 -31.53 -17.76 21.88
N PHE A 277 -31.39 -16.81 20.96
CA PHE A 277 -30.43 -16.90 19.86
C PHE A 277 -29.77 -15.56 19.68
N PHE A 278 -28.48 -15.49 19.99
CA PHE A 278 -27.72 -14.25 19.87
C PHE A 278 -27.19 -14.08 18.45
N ASN A 279 -28.01 -13.43 17.61
CA ASN A 279 -27.61 -13.09 16.23
C ASN A 279 -28.23 -11.76 15.81
N GLY A 280 -27.70 -11.18 14.73
CA GLY A 280 -28.11 -9.86 14.27
C GLY A 280 -29.45 -9.80 13.56
N VAL A 281 -29.82 -8.60 13.13
CA VAL A 281 -31.10 -8.35 12.47
C VAL A 281 -31.22 -9.11 11.14
N TRP A 282 -30.08 -9.38 10.52
CA TRP A 282 -30.00 -10.08 9.24
C TRP A 282 -30.54 -11.51 9.30
N ALA A 283 -30.78 -12.01 10.51
CA ALA A 283 -31.35 -13.35 10.73
C ALA A 283 -32.85 -13.42 10.41
N SER A 284 -33.46 -12.26 10.19
CA SER A 284 -34.90 -12.10 10.01
C SER A 284 -35.56 -13.02 8.97
N GLY A 285 -34.90 -13.22 7.84
CA GLY A 285 -35.39 -14.09 6.78
C GLY A 285 -35.53 -15.54 7.19
N GLU A 286 -34.62 -16.00 8.04
CA GLU A 286 -34.65 -17.36 8.56
C GLU A 286 -35.60 -17.45 9.75
N MSE A 287 -35.82 -16.31 10.40
CA MSE A 287 -36.58 -16.24 11.62
C MSE A 287 -38.09 -16.12 11.38
O MSE A 287 -38.88 -16.69 12.14
CB MSE A 287 -36.05 -15.10 12.48
CG MSE A 287 -35.75 -15.49 13.91
SE MSE A 287 -34.01 -16.30 14.27
CE MSE A 287 -34.07 -17.95 13.25
N SER A 288 -38.46 -15.40 10.33
CA SER A 288 -39.88 -15.13 10.00
C SER A 288 -40.69 -16.38 9.66
N LYS A 289 -40.00 -17.49 9.41
CA LYS A 289 -40.64 -18.78 9.12
C LYS A 289 -41.38 -19.33 10.34
N ASN A 290 -40.84 -19.05 11.52
CA ASN A 290 -41.44 -19.46 12.79
C ASN A 290 -41.96 -18.22 13.53
N PRO A 291 -43.30 -18.08 13.61
CA PRO A 291 -43.87 -16.86 14.22
C PRO A 291 -43.75 -16.80 15.75
N SER A 292 -43.25 -17.89 16.36
CA SER A 292 -43.06 -17.96 17.81
C SER A 292 -41.87 -17.14 18.29
N LEU A 293 -40.96 -16.81 17.38
CA LEU A 293 -39.73 -16.14 17.77
C LEU A 293 -39.71 -14.64 17.43
N ALA A 294 -39.15 -13.87 18.35
CA ALA A 294 -39.26 -12.42 18.30
C ALA A 294 -37.92 -11.73 18.58
N PRO A 295 -37.75 -10.50 18.06
CA PRO A 295 -36.54 -9.75 18.41
C PRO A 295 -36.58 -9.15 19.82
N GLY A 296 -35.42 -9.08 20.45
CA GLY A 296 -35.24 -8.36 21.69
C GLY A 296 -33.82 -7.83 21.74
N ILE A 297 -33.46 -7.20 22.83
CA ILE A 297 -32.07 -6.77 23.05
C ILE A 297 -31.56 -7.28 24.40
N TYR A 298 -30.34 -6.87 24.74
CA TYR A 298 -29.62 -7.40 25.91
C TYR A 298 -29.97 -6.66 27.20
N PRO A 299 -29.74 -7.31 28.38
CA PRO A 299 -30.07 -6.73 29.69
C PRO A 299 -29.61 -5.29 29.88
N ALA A 300 -30.40 -4.53 30.63
CA ALA A 300 -30.19 -3.09 30.86
C ALA A 300 -30.34 -2.25 29.59
N GLY A 301 -31.10 -2.75 28.62
CA GLY A 301 -31.40 -2.04 27.38
C GLY A 301 -30.21 -1.76 26.49
N VAL A 302 -29.28 -2.72 26.42
CA VAL A 302 -28.08 -2.59 25.59
C VAL A 302 -28.23 -3.38 24.29
N ALA A 303 -27.74 -2.80 23.19
CA ALA A 303 -27.69 -3.48 21.91
C ALA A 303 -26.35 -3.26 21.23
N ILE A 304 -26.04 -4.09 20.24
CA ILE A 304 -24.82 -3.93 19.46
C ILE A 304 -25.13 -3.14 18.19
N SER A 305 -24.37 -2.08 17.97
CA SER A 305 -24.47 -1.30 16.73
C SER A 305 -23.10 -0.88 16.25
N SER A 306 -22.58 -1.67 15.31
CA SER A 306 -21.33 -1.37 14.67
C SER A 306 -21.44 -1.55 13.16
N SER A 307 -20.34 -1.27 12.47
CA SER A 307 -20.29 -1.39 11.02
C SER A 307 -19.91 -2.81 10.62
N GLY A 308 -18.83 -3.30 11.22
CA GLY A 308 -18.16 -4.52 10.77
C GLY A 308 -17.19 -4.20 9.64
N GLY A 309 -16.34 -5.16 9.30
CA GLY A 309 -15.53 -5.07 8.09
C GLY A 309 -16.40 -5.46 6.90
N GLY A 310 -16.08 -4.89 5.74
CA GLY A 310 -16.84 -5.19 4.53
C GLY A 310 -15.95 -5.18 3.31
N ILE A 311 -16.34 -4.35 2.34
CA ILE A 311 -15.58 -4.18 1.11
C ILE A 311 -14.22 -3.55 1.41
N THR A 312 -13.16 -4.30 1.09
CA THR A 312 -11.79 -3.93 1.43
C THR A 312 -10.92 -4.14 0.19
N ILE A 313 -10.13 -3.13 -0.18
CA ILE A 313 -9.43 -3.16 -1.46
C ILE A 313 -7.91 -3.00 -1.38
N SER A 314 -7.21 -3.79 -2.19
CA SER A 314 -5.75 -3.79 -2.26
C SER A 314 -5.17 -2.44 -2.70
N SER A 315 -4.02 -2.10 -2.10
CA SER A 315 -3.26 -0.89 -2.44
C SER A 315 -2.34 -1.11 -3.63
N LYS A 316 -2.11 -2.38 -3.98
CA LYS A 316 -1.07 -2.75 -4.92
C LYS A 316 -1.61 -3.15 -6.28
N MSE A 317 -2.39 -2.26 -6.88
CA MSE A 317 -3.02 -2.54 -8.18
C MSE A 317 -2.83 -1.38 -9.14
O MSE A 317 -2.57 -0.25 -8.73
CB MSE A 317 -4.52 -2.80 -7.99
CG MSE A 317 -4.85 -3.96 -7.05
SE MSE A 317 -6.73 -4.42 -7.08
CE MSE A 317 -7.50 -2.71 -6.56
N SER A 318 -2.96 -1.68 -10.44
CA SER A 318 -2.93 -0.65 -11.48
C SER A 318 -4.05 0.36 -11.28
N GLU A 319 -3.90 1.53 -11.88
CA GLU A 319 -4.87 2.62 -11.76
C GLU A 319 -6.28 2.21 -12.19
N ALA A 320 -6.36 1.44 -13.27
CA ALA A 320 -7.63 1.06 -13.89
C ALA A 320 -8.46 0.09 -13.04
N LYS A 321 -7.81 -0.87 -12.38
CA LYS A 321 -8.53 -1.82 -11.54
C LYS A 321 -8.79 -1.31 -10.12
N GLN A 322 -7.97 -0.35 -9.70
CA GLN A 322 -8.23 0.38 -8.45
C GLN A 322 -9.49 1.25 -8.57
N LYS A 323 -9.67 1.89 -9.72
CA LYS A 323 -10.83 2.75 -9.92
C LYS A 323 -12.12 1.96 -10.21
N LEU A 324 -11.99 0.76 -10.76
CA LEU A 324 -13.14 -0.14 -10.93
C LEU A 324 -13.57 -0.71 -9.59
N ALA A 325 -12.60 -0.98 -8.71
CA ALA A 325 -12.86 -1.46 -7.36
C ALA A 325 -13.59 -0.43 -6.51
N LEU A 326 -13.22 0.85 -6.67
CA LEU A 326 -13.90 1.96 -6.00
C LEU A 326 -15.29 2.18 -6.61
N GLU A 327 -15.40 1.95 -7.91
CA GLU A 327 -16.70 1.94 -8.59
C GLU A 327 -17.62 0.84 -8.01
N PHE A 328 -17.04 -0.28 -7.61
CA PHE A 328 -17.78 -1.38 -7.00
C PHE A 328 -18.28 -1.04 -5.59
N LEU A 329 -17.45 -0.35 -4.82
CA LEU A 329 -17.83 0.21 -3.54
C LEU A 329 -19.01 1.19 -3.71
N LYS A 330 -18.90 2.07 -4.70
CA LYS A 330 -19.95 3.02 -5.08
C LYS A 330 -21.25 2.30 -5.43
N TYR A 331 -21.13 1.21 -6.19
CA TYR A 331 -22.28 0.42 -6.64
C TYR A 331 -23.00 -0.29 -5.48
N MSE A 332 -22.25 -1.00 -4.64
CA MSE A 332 -22.81 -1.77 -3.53
C MSE A 332 -23.45 -0.87 -2.48
O MSE A 332 -24.21 -1.34 -1.62
CB MSE A 332 -21.73 -2.64 -2.88
CG MSE A 332 -21.30 -3.84 -3.72
SE MSE A 332 -22.77 -5.01 -4.30
CE MSE A 332 -23.38 -5.64 -2.55
N THR A 333 -23.15 0.41 -2.57
CA THR A 333 -23.50 1.39 -1.57
C THR A 333 -24.51 2.41 -2.14
N SER A 334 -24.91 2.19 -3.39
CA SER A 334 -25.88 3.04 -4.09
C SER A 334 -27.32 2.84 -3.60
N ASP A 335 -28.15 3.85 -3.86
CA ASP A 335 -29.56 3.86 -3.45
C ASP A 335 -30.34 2.62 -3.88
N ASP A 336 -30.18 2.23 -5.15
CA ASP A 336 -30.92 1.11 -5.73
C ASP A 336 -30.49 -0.25 -5.20
N VAL A 337 -29.19 -0.44 -5.00
CA VAL A 337 -28.66 -1.69 -4.46
C VAL A 337 -29.02 -1.86 -2.98
N GLN A 338 -28.96 -0.76 -2.23
CA GLN A 338 -29.30 -0.78 -0.81
C GLN A 338 -30.76 -1.07 -0.52
N LYS A 339 -31.64 -0.70 -1.45
CA LYS A 339 -33.05 -1.06 -1.38
C LYS A 339 -33.20 -2.58 -1.50
N VAL A 340 -32.39 -3.19 -2.37
CA VAL A 340 -32.33 -4.64 -2.50
C VAL A 340 -31.72 -5.26 -1.22
N ILE A 341 -30.71 -4.59 -0.66
CA ILE A 341 -30.10 -5.02 0.60
C ILE A 341 -31.12 -5.11 1.73
N PHE A 342 -32.07 -4.17 1.78
CA PHE A 342 -33.15 -4.22 2.78
C PHE A 342 -34.29 -5.18 2.44
N GLU A 343 -34.79 -5.11 1.20
CA GLU A 343 -36.01 -5.82 0.80
C GLU A 343 -35.84 -7.29 0.43
N LYS A 344 -34.78 -7.60 -0.34
CA LYS A 344 -34.52 -8.98 -0.79
C LYS A 344 -33.57 -9.69 0.17
N VAL A 345 -32.42 -9.08 0.41
CA VAL A 345 -31.53 -9.47 1.49
C VAL A 345 -32.21 -8.92 2.72
N GLY A 346 -32.40 -9.73 3.74
CA GLY A 346 -33.11 -9.23 4.92
C GLY A 346 -32.14 -8.60 5.90
N ALA A 347 -31.42 -7.57 5.46
CA ALA A 347 -30.38 -6.93 6.27
C ALA A 347 -30.56 -5.41 6.41
N ASN A 348 -29.83 -4.82 7.36
CA ASN A 348 -29.84 -3.38 7.58
C ASN A 348 -28.85 -2.67 6.65
N PRO A 349 -29.36 -1.84 5.73
CA PRO A 349 -28.52 -1.14 4.76
C PRO A 349 -27.63 -0.09 5.41
N SER A 350 -26.44 0.11 4.86
CA SER A 350 -25.52 1.15 5.33
C SER A 350 -25.98 2.52 4.85
N ASN A 351 -26.67 2.53 3.71
CA ASN A 351 -27.14 3.76 3.08
C ASN A 351 -28.31 4.37 3.84
N GLU A 352 -28.07 5.55 4.41
CA GLU A 352 -29.04 6.24 5.25
C GLU A 352 -30.16 6.91 4.46
N ASN A 353 -30.05 6.88 3.13
CA ASN A 353 -31.09 7.36 2.23
C ASN A 353 -32.23 6.36 2.09
N VAL A 354 -31.98 5.11 2.47
CA VAL A 354 -33.00 4.06 2.42
C VAL A 354 -33.87 4.15 3.68
N ASN A 355 -35.15 4.43 3.47
CA ASN A 355 -36.10 4.58 4.57
C ASN A 355 -36.61 3.22 5.07
N VAL A 356 -35.86 2.65 6.02
CA VAL A 356 -36.15 1.34 6.58
C VAL A 356 -37.54 1.23 7.22
N LYS A 357 -37.95 2.27 7.95
CA LYS A 357 -39.25 2.29 8.63
C LYS A 357 -40.40 2.35 7.64
N GLU A 358 -40.31 3.29 6.69
CA GLU A 358 -41.32 3.47 5.64
C GLU A 358 -41.41 2.22 4.75
N LEU A 359 -40.27 1.62 4.46
CA LEU A 359 -40.24 0.37 3.69
C LEU A 359 -40.87 -0.80 4.46
N SER A 360 -40.62 -0.84 5.77
CA SER A 360 -41.29 -1.79 6.66
C SER A 360 -42.79 -1.51 6.74
N GLU A 361 -43.15 -0.22 6.84
CA GLU A 361 -44.54 0.25 6.80
C GLU A 361 -45.29 -0.38 5.63
N LYS A 362 -44.78 -0.13 4.42
CA LYS A 362 -45.48 -0.42 3.17
C LYS A 362 -45.27 -1.84 2.63
N SER A 363 -44.63 -2.70 3.42
CA SER A 363 -44.37 -4.09 3.03
C SER A 363 -45.41 -5.06 3.56
N SER A 364 -45.72 -6.08 2.75
CA SER A 364 -46.60 -7.18 3.17
C SER A 364 -45.79 -8.40 3.61
N GLU A 365 -44.46 -8.29 3.52
CA GLU A 365 -43.55 -9.39 3.84
C GLU A 365 -43.30 -9.51 5.33
N ALA A 366 -43.42 -10.74 5.83
CA ALA A 366 -43.20 -11.02 7.25
C ALA A 366 -41.75 -10.77 7.63
N THR A 367 -40.83 -11.11 6.73
CA THR A 367 -39.40 -10.88 6.90
C THR A 367 -39.08 -9.40 7.13
N THR A 368 -39.61 -8.56 6.25
CA THR A 368 -39.40 -7.11 6.31
C THR A 368 -40.03 -6.48 7.56
N LYS A 369 -41.14 -7.07 8.03
CA LYS A 369 -41.81 -6.63 9.26
C LYS A 369 -40.97 -6.78 10.52
N ILE A 370 -40.51 -8.00 10.83
CA ILE A 370 -39.68 -8.21 12.03
C ILE A 370 -38.26 -7.66 11.86
N LEU A 371 -37.82 -7.52 10.62
CA LEU A 371 -36.54 -6.86 10.32
C LEU A 371 -36.58 -5.42 10.82
N GLY A 372 -37.62 -4.69 10.40
CA GLY A 372 -37.84 -3.31 10.83
C GLY A 372 -38.05 -3.20 12.33
N GLN A 373 -38.71 -4.20 12.91
CA GLN A 373 -38.93 -4.28 14.35
C GLN A 373 -37.61 -4.47 15.09
N ALA A 374 -36.78 -5.39 14.58
CA ALA A 374 -35.47 -5.66 15.15
C ALA A 374 -34.53 -4.46 15.07
N ILE A 375 -34.53 -3.77 13.93
CA ILE A 375 -33.72 -2.56 13.75
C ILE A 375 -34.16 -1.42 14.69
N THR A 376 -35.47 -1.18 14.79
CA THR A 376 -36.03 -0.15 15.66
C THR A 376 -35.65 -0.34 17.14
N GLN A 377 -35.58 -1.60 17.57
CA GLN A 377 -35.17 -1.93 18.94
C GLN A 377 -33.74 -1.49 19.25
N VAL A 378 -32.82 -1.76 18.31
CA VAL A 378 -31.41 -1.40 18.45
C VAL A 378 -31.24 0.12 18.37
N LYS A 379 -31.97 0.75 17.45
CA LYS A 379 -31.96 2.21 17.29
C LYS A 379 -32.49 2.95 18.52
N ASN A 380 -33.29 2.26 19.33
CA ASN A 380 -33.92 2.87 20.52
C ASN A 380 -33.42 2.26 21.84
N ALA A 381 -32.29 1.57 21.77
CA ALA A 381 -31.62 1.03 22.94
C ALA A 381 -31.14 2.15 23.86
N LYS A 382 -31.15 1.89 25.16
CA LYS A 382 -30.64 2.84 26.16
C LYS A 382 -29.15 3.09 25.96
N ALA A 383 -28.42 2.04 25.61
CA ALA A 383 -26.99 2.14 25.30
C ALA A 383 -26.67 1.25 24.12
N VAL A 384 -25.74 1.70 23.31
CA VAL A 384 -25.34 0.93 22.15
C VAL A 384 -23.80 0.84 22.09
N VAL A 385 -23.30 -0.38 21.86
CA VAL A 385 -21.85 -0.65 21.81
C VAL A 385 -21.40 -1.17 20.44
N PRO A 386 -20.12 -0.95 20.08
CA PRO A 386 -19.58 -1.58 18.87
C PRO A 386 -19.09 -3.00 19.20
N THR A 387 -18.79 -3.79 18.17
CA THR A 387 -18.30 -5.14 18.39
C THR A 387 -16.84 -5.10 18.85
N VAL A 388 -16.50 -6.02 19.76
CA VAL A 388 -15.12 -6.26 20.18
C VAL A 388 -14.19 -6.34 18.95
N SER A 389 -14.66 -7.05 17.92
CA SER A 389 -13.91 -7.23 16.68
C SER A 389 -13.54 -5.92 15.98
N ASP A 390 -14.47 -4.98 15.93
CA ASP A 390 -14.27 -3.69 15.25
C ASP A 390 -13.26 -2.81 15.98
N VAL A 391 -13.41 -2.75 17.29
CA VAL A 391 -12.65 -1.80 18.11
C VAL A 391 -11.33 -2.40 18.64
N TRP A 392 -11.32 -3.71 18.93
CA TRP A 392 -10.12 -4.35 19.48
C TRP A 392 -9.41 -5.30 18.51
N GLY A 393 -10.04 -5.57 17.37
CA GLY A 393 -9.42 -6.38 16.33
C GLY A 393 -9.83 -7.84 16.36
N GLY A 394 -9.54 -8.55 15.27
CA GLY A 394 -9.94 -9.95 15.09
C GLY A 394 -9.28 -10.95 16.02
N ASP A 395 -8.04 -10.68 16.42
CA ASP A 395 -7.28 -11.56 17.32
C ASP A 395 -7.85 -11.58 18.73
N VAL A 396 -8.25 -10.41 19.22
CA VAL A 396 -8.84 -10.27 20.56
C VAL A 396 -10.21 -10.95 20.58
N HIS A 397 -11.00 -10.69 19.54
CA HIS A 397 -12.27 -11.36 19.27
C HIS A 397 -12.17 -12.89 19.42
N THR A 398 -11.29 -13.51 18.65
CA THR A 398 -11.07 -14.96 18.63
C THR A 398 -10.58 -15.52 19.98
N ALA A 399 -9.63 -14.82 20.61
CA ALA A 399 -9.12 -15.20 21.93
C ALA A 399 -10.20 -15.19 23.02
N ILE A 400 -11.05 -14.17 23.00
CA ILE A 400 -12.17 -14.07 23.95
C ILE A 400 -13.22 -15.15 23.70
N ILE A 401 -13.57 -15.39 22.43
CA ILE A 401 -14.48 -16.48 22.04
C ILE A 401 -13.99 -17.85 22.52
N ASN A 402 -12.71 -18.14 22.29
CA ASN A 402 -12.08 -19.39 22.75
C ASN A 402 -12.12 -19.56 24.27
N ALA A 403 -11.83 -18.48 25.00
CA ALA A 403 -11.84 -18.52 26.46
C ALA A 403 -13.24 -18.73 27.04
N LEU A 404 -14.23 -18.09 26.43
CA LEU A 404 -15.63 -18.26 26.84
C LEU A 404 -16.13 -19.66 26.52
N THR A 405 -15.70 -20.22 25.40
CA THR A 405 -16.04 -21.59 24.99
C THR A 405 -15.44 -22.63 25.95
N GLU A 406 -14.15 -22.46 26.26
CA GLU A 406 -13.44 -23.32 27.20
C GLU A 406 -14.05 -23.32 28.61
N SER A 407 -14.64 -22.20 29.01
CA SER A 407 -15.21 -22.03 30.35
C SER A 407 -16.51 -22.83 30.58
N ALA A 408 -17.10 -23.35 29.49
CA ALA A 408 -18.31 -24.16 29.56
C ALA A 408 -18.03 -25.52 30.19
N ALA A 409 -16.79 -25.98 30.09
CA ALA A 409 -16.37 -27.24 30.72
C ALA A 409 -16.68 -27.23 32.22
N GLU A 410 -17.26 -28.33 32.68
CA GLU A 410 -17.82 -28.43 34.03
C GLU A 410 -16.75 -28.42 35.13
N ASN A 411 -15.49 -28.68 34.73
CA ASN A 411 -14.37 -28.82 35.66
C ASN A 411 -13.48 -27.57 35.73
N VAL A 412 -13.90 -26.49 35.08
CA VAL A 412 -13.12 -25.27 35.04
C VAL A 412 -13.57 -24.34 36.15
N ASP A 413 -12.62 -23.87 36.95
CA ASP A 413 -12.88 -22.85 37.96
C ASP A 413 -12.94 -21.48 37.28
N VAL A 414 -14.06 -20.78 37.48
CA VAL A 414 -14.30 -19.49 36.82
C VAL A 414 -13.28 -18.42 37.21
N ASP A 415 -13.00 -18.31 38.51
CA ASP A 415 -12.06 -17.30 39.03
C ASP A 415 -10.69 -17.34 38.37
N GLN A 416 -10.07 -18.53 38.34
CA GLN A 416 -8.74 -18.68 37.77
C GLN A 416 -8.75 -18.74 36.25
N LYS A 417 -9.91 -19.05 35.67
CA LYS A 417 -10.11 -18.95 34.23
C LYS A 417 -10.14 -17.49 33.78
N VAL A 418 -10.84 -16.64 34.53
CA VAL A 418 -10.86 -15.20 34.30
C VAL A 418 -9.43 -14.64 34.32
N LYS A 419 -8.67 -15.03 35.35
CA LYS A 419 -7.29 -14.58 35.51
C LYS A 419 -6.38 -15.04 34.37
N SER A 420 -6.53 -16.29 33.95
CA SER A 420 -5.72 -16.84 32.86
C SER A 420 -6.15 -16.29 31.51
N THR A 421 -7.43 -15.94 31.38
CA THR A 421 -7.95 -15.28 30.17
C THR A 421 -7.33 -13.90 30.02
N GLN A 422 -7.30 -13.13 31.10
CA GLN A 422 -6.68 -11.81 31.06
C GLN A 422 -5.15 -11.88 30.92
N ASP A 423 -4.56 -13.01 31.32
CA ASP A 423 -3.15 -13.29 31.05
C ASP A 423 -2.89 -13.47 29.55
N VAL A 424 -3.82 -14.17 28.88
CA VAL A 424 -3.74 -14.43 27.45
C VAL A 424 -3.92 -13.14 26.62
N LEU A 425 -4.83 -12.28 27.05
CA LEU A 425 -5.11 -11.01 26.36
C LEU A 425 -3.94 -10.03 26.39
N LYS A 426 -3.25 -9.94 27.53
CA LYS A 426 -2.09 -9.06 27.70
C LYS A 426 -0.93 -9.41 26.77
N SER A 427 -0.71 -10.71 26.56
CA SER A 427 0.37 -11.22 25.71
C SER A 427 0.19 -10.85 24.22
N LEU A 428 -1.06 -10.72 23.78
CA LEU A 428 -1.35 -10.41 22.38
C LEU A 428 -1.55 -8.91 22.13
N GLU B 38 24.90 -20.36 4.76
CA GLU B 38 24.28 -19.63 3.63
C GLU B 38 25.03 -18.34 3.30
N VAL B 39 25.09 -18.03 2.00
CA VAL B 39 25.80 -16.84 1.53
C VAL B 39 24.86 -15.94 0.73
N LEU B 40 24.79 -14.67 1.15
CA LEU B 40 24.05 -13.65 0.40
C LEU B 40 25.02 -12.86 -0.48
N GLU B 41 24.93 -13.09 -1.79
CA GLU B 41 25.83 -12.45 -2.76
C GLU B 41 25.33 -11.05 -3.14
N PHE B 42 26.17 -10.04 -2.96
CA PHE B 42 25.80 -8.66 -3.27
C PHE B 42 26.67 -8.08 -4.38
N TYR B 43 26.05 -7.79 -5.52
CA TYR B 43 26.76 -7.25 -6.68
C TYR B 43 26.66 -5.72 -6.77
N HIS B 44 27.83 -5.08 -6.90
CA HIS B 44 27.92 -3.62 -7.04
C HIS B 44 29.01 -3.26 -8.06
N GLY B 45 29.02 -2.00 -8.49
CA GLY B 45 29.98 -1.54 -9.51
C GLY B 45 31.14 -0.72 -8.98
N TYR B 46 31.36 -0.76 -7.66
CA TYR B 46 32.47 -0.04 -7.04
C TYR B 46 33.71 -0.94 -6.98
N HIS B 47 34.38 -1.07 -8.13
CA HIS B 47 35.53 -1.95 -8.31
C HIS B 47 36.85 -1.17 -8.31
N HIS B 48 36.74 0.16 -8.35
CA HIS B 48 37.87 1.04 -8.57
C HIS B 48 38.89 1.02 -7.45
N SER B 49 40.17 1.04 -7.83
CA SER B 49 41.24 1.23 -6.87
C SER B 49 41.09 2.63 -6.29
N GLU B 50 41.45 2.80 -5.01
CA GLU B 50 41.27 4.10 -4.35
C GLU B 50 42.09 5.22 -5.00
N ASP B 51 43.05 4.85 -5.84
CA ASP B 51 43.84 5.81 -6.60
C ASP B 51 43.17 6.28 -7.89
N GLU B 52 42.23 5.48 -8.42
CA GLU B 52 41.46 5.91 -9.59
C GLU B 52 40.09 6.53 -9.21
N TRP B 53 39.48 6.01 -8.14
CA TRP B 53 38.24 6.58 -7.59
C TRP B 53 38.09 6.21 -6.11
N PRO B 54 38.51 7.11 -5.21
CA PRO B 54 38.44 6.91 -3.75
C PRO B 54 37.04 6.58 -3.21
N VAL B 55 36.01 7.03 -3.93
CA VAL B 55 34.61 6.78 -3.56
C VAL B 55 34.30 5.29 -3.51
N ALA B 56 34.86 4.52 -4.44
CA ALA B 56 34.64 3.08 -4.52
C ALA B 56 35.11 2.37 -3.24
N LYS B 57 36.30 2.74 -2.77
CA LYS B 57 36.87 2.21 -1.53
C LYS B 57 35.99 2.51 -0.32
N THR B 58 35.52 3.76 -0.23
CA THR B 58 34.58 4.18 0.80
C THR B 58 33.34 3.29 0.81
N MSE B 59 32.76 3.07 -0.37
CA MSE B 59 31.59 2.20 -0.53
C MSE B 59 31.85 0.75 -0.09
O MSE B 59 31.05 0.18 0.65
CB MSE B 59 31.10 2.21 -1.98
CG MSE B 59 30.56 3.53 -2.46
SE MSE B 59 28.94 4.09 -1.53
CE MSE B 59 28.41 5.43 -2.81
N ARG B 60 32.97 0.19 -0.55
CA ARG B 60 33.40 -1.14 -0.16
C ARG B 60 33.64 -1.27 1.35
N ASP B 61 34.11 -0.19 1.98
CA ASP B 61 34.29 -0.15 3.44
C ASP B 61 32.93 -0.21 4.16
N LEU B 62 31.95 0.48 3.59
CA LEU B 62 30.56 0.45 4.05
C LEU B 62 29.96 -0.95 4.00
N TYR B 63 30.26 -1.69 2.94
CA TYR B 63 29.68 -3.01 2.69
C TYR B 63 30.22 -4.08 3.65
N ASP B 64 31.54 -4.24 3.71
CA ASP B 64 32.12 -5.32 4.53
C ASP B 64 32.11 -5.02 6.03
N LYS B 65 31.75 -3.79 6.36
CA LYS B 65 31.45 -3.37 7.72
C LYS B 65 30.07 -3.90 8.14
N PHE B 66 29.16 -3.94 7.18
CA PHE B 66 27.86 -4.60 7.35
C PHE B 66 28.07 -6.12 7.53
N ALA B 67 28.96 -6.69 6.73
CA ALA B 67 29.29 -8.13 6.80
C ALA B 67 29.81 -8.55 8.17
N GLU B 68 30.69 -7.73 8.76
CA GLU B 68 31.26 -8.00 10.08
C GLU B 68 30.24 -7.78 11.21
N GLU B 69 29.28 -6.90 10.96
CA GLU B 69 28.16 -6.61 11.84
C GLU B 69 27.21 -7.82 11.93
N HIS B 70 27.28 -8.68 10.92
CA HIS B 70 26.41 -9.86 10.83
C HIS B 70 27.22 -11.14 10.71
N SER B 73 25.66 -13.96 12.25
CA SER B 73 24.52 -14.89 12.22
C SER B 73 24.71 -15.98 11.15
N GLY B 74 23.67 -16.77 10.92
CA GLY B 74 23.74 -17.96 10.06
C GLY B 74 23.84 -17.73 8.56
N VAL B 75 23.79 -16.46 8.14
CA VAL B 75 23.95 -16.09 6.73
C VAL B 75 25.06 -15.04 6.61
N GLU B 76 26.03 -15.29 5.74
CA GLU B 76 27.12 -14.35 5.56
C GLU B 76 26.93 -13.44 4.34
N PHE B 77 27.33 -12.18 4.51
CA PHE B 77 27.20 -11.17 3.46
C PHE B 77 28.47 -11.15 2.61
N LYS B 78 28.28 -11.26 1.29
CA LYS B 78 29.40 -11.28 0.36
C LYS B 78 29.27 -10.23 -0.74
N PRO B 79 29.97 -9.08 -0.58
CA PRO B 79 30.01 -8.07 -1.63
C PRO B 79 30.93 -8.50 -2.76
N THR B 80 30.44 -8.40 -3.99
CA THR B 80 31.18 -8.78 -5.19
C THR B 80 31.26 -7.58 -6.13
N PRO B 81 32.44 -6.95 -6.22
CA PRO B 81 32.66 -5.80 -7.10
C PRO B 81 32.68 -6.24 -8.56
N VAL B 82 31.84 -5.62 -9.38
CA VAL B 82 31.70 -6.01 -10.79
C VAL B 82 32.44 -5.03 -11.69
N ASN B 83 33.43 -5.55 -12.42
CA ASN B 83 34.14 -4.80 -13.45
C ASN B 83 33.49 -5.04 -14.81
N GLY B 84 32.73 -4.06 -15.27
CA GLY B 84 31.93 -4.20 -16.48
C GLY B 84 30.47 -3.84 -16.25
N ASP B 85 29.60 -4.33 -17.12
CA ASP B 85 28.19 -3.97 -17.05
C ASP B 85 27.45 -4.69 -15.92
N LEU B 86 26.82 -3.91 -15.03
CA LEU B 86 25.98 -4.44 -13.96
C LEU B 86 24.68 -5.01 -14.48
N LYS B 87 24.20 -4.46 -15.60
CA LYS B 87 22.96 -4.92 -16.23
C LYS B 87 23.09 -6.34 -16.74
N ASP B 88 24.30 -6.73 -17.15
CA ASP B 88 24.57 -8.09 -17.59
C ASP B 88 24.38 -9.13 -16.48
N ILE B 89 24.87 -8.81 -15.27
CA ILE B 89 24.69 -9.69 -14.11
C ILE B 89 23.21 -9.99 -13.88
N MSE B 90 22.38 -8.94 -13.94
CA MSE B 90 20.93 -9.07 -13.78
C MSE B 90 20.27 -9.84 -14.93
O MSE B 90 19.57 -10.82 -14.69
CB MSE B 90 20.29 -7.69 -13.63
CG MSE B 90 18.78 -7.70 -13.62
SE MSE B 90 18.02 -5.94 -13.31
CE MSE B 90 18.77 -4.99 -14.85
N ASN B 91 20.49 -9.37 -16.15
CA ASN B 91 19.84 -9.92 -17.35
C ASN B 91 20.20 -11.36 -17.67
N ASN B 92 21.44 -11.75 -17.38
CA ASN B 92 21.86 -13.14 -17.55
C ASN B 92 21.17 -14.08 -16.57
N LYS B 93 20.87 -13.58 -15.38
CA LYS B 93 20.11 -14.34 -14.40
C LYS B 93 18.61 -14.36 -14.70
N VAL B 94 18.06 -13.22 -15.13
CA VAL B 94 16.65 -13.11 -15.51
C VAL B 94 16.30 -14.12 -16.60
N ALA B 95 17.16 -14.23 -17.61
CA ALA B 95 17.11 -15.33 -18.56
C ALA B 95 17.50 -16.60 -17.79
N SER B 96 16.63 -17.61 -17.87
CA SER B 96 16.69 -18.81 -17.01
C SER B 96 16.01 -18.61 -15.65
N GLY B 97 15.23 -17.55 -15.54
CA GLY B 97 14.27 -17.36 -14.45
C GLY B 97 14.81 -17.14 -13.06
N GLU B 98 15.97 -16.49 -12.97
CA GLU B 98 16.62 -16.23 -11.68
C GLU B 98 16.91 -14.74 -11.48
N PHE B 99 17.49 -14.41 -10.33
CA PHE B 99 17.87 -13.04 -10.01
C PHE B 99 19.06 -13.05 -9.05
N PRO B 100 20.00 -12.10 -9.21
CA PRO B 100 21.09 -11.98 -8.24
C PRO B 100 20.53 -11.72 -6.84
N ASP B 101 21.09 -12.38 -5.83
CA ASP B 101 20.58 -12.26 -4.45
C ASP B 101 20.32 -10.80 -4.08
N VAL B 102 21.36 -9.98 -4.18
CA VAL B 102 21.24 -8.53 -4.02
C VAL B 102 22.09 -7.88 -5.12
N ILE B 103 21.53 -6.86 -5.77
CA ILE B 103 22.31 -6.05 -6.70
C ILE B 103 22.04 -4.57 -6.51
N ASP B 104 23.11 -3.77 -6.46
CA ASP B 104 23.02 -2.33 -6.55
C ASP B 104 23.13 -1.92 -8.03
N LEU B 105 22.01 -1.48 -8.58
CA LEU B 105 21.92 -1.16 -10.00
C LEU B 105 22.54 0.19 -10.37
N ALA B 106 22.85 1.00 -9.35
CA ALA B 106 23.62 2.23 -9.52
C ALA B 106 23.03 3.23 -10.52
N GLY B 107 21.71 3.34 -10.53
CA GLY B 107 21.01 4.22 -11.45
C GLY B 107 20.30 3.49 -12.58
N ASN B 108 20.76 2.28 -12.88
CA ASN B 108 20.17 1.44 -13.93
C ASN B 108 18.79 0.95 -13.56
N ALA B 109 17.91 0.85 -14.55
CA ALA B 109 16.54 0.43 -14.33
C ALA B 109 16.45 -1.08 -14.12
N VAL B 110 15.48 -1.50 -13.30
CA VAL B 110 15.16 -2.91 -13.11
C VAL B 110 14.62 -3.48 -14.41
N SER B 111 14.98 -4.73 -14.70
CA SER B 111 14.43 -5.47 -15.83
C SER B 111 12.92 -5.56 -15.71
N LEU B 112 12.21 -5.24 -16.80
CA LEU B 112 10.76 -5.33 -16.84
C LEU B 112 10.30 -6.80 -16.88
N ALA B 113 11.14 -7.65 -17.48
CA ALA B 113 10.91 -9.09 -17.51
C ALA B 113 11.09 -9.72 -16.13
N ALA B 114 11.94 -9.14 -15.30
CA ALA B 114 12.14 -9.61 -13.94
C ALA B 114 10.91 -9.32 -13.07
N ILE B 115 10.31 -8.17 -13.28
CA ILE B 115 9.09 -7.78 -12.57
C ILE B 115 7.89 -8.63 -13.01
N GLU B 116 7.79 -8.90 -14.31
CA GLU B 116 6.69 -9.72 -14.86
C GLU B 116 6.77 -11.15 -14.33
N GLN B 117 7.99 -11.67 -14.18
CA GLN B 117 8.21 -13.03 -13.69
C GLN B 117 8.32 -13.07 -12.17
N LYS B 118 8.07 -11.92 -11.54
CA LYS B 118 8.33 -11.65 -10.10
C LYS B 118 9.61 -12.27 -9.53
N LEU B 119 10.71 -11.98 -10.21
CA LEU B 119 12.05 -12.39 -9.77
C LEU B 119 12.56 -11.43 -8.69
N VAL B 120 11.82 -10.32 -8.51
CA VAL B 120 12.24 -9.22 -7.63
C VAL B 120 11.26 -9.05 -6.46
N LEU B 121 11.80 -8.78 -5.27
CA LEU B 121 11.00 -8.58 -4.08
C LEU B 121 10.41 -7.18 -3.98
N ASP B 122 9.14 -7.11 -3.58
CA ASP B 122 8.47 -5.85 -3.27
C ASP B 122 8.99 -5.35 -1.92
N LEU B 123 9.59 -4.17 -1.94
CA LEU B 123 10.29 -3.61 -0.79
C LEU B 123 9.41 -2.72 0.09
N LYS B 124 8.27 -2.29 -0.45
CA LYS B 124 7.40 -1.31 0.22
C LYS B 124 6.84 -1.80 1.57
N PRO B 125 6.28 -3.04 1.63
CA PRO B 125 5.84 -3.55 2.93
C PRO B 125 6.90 -3.45 4.04
N TYR B 126 8.15 -3.81 3.76
CA TYR B 126 9.23 -3.72 4.75
C TYR B 126 9.55 -2.27 5.15
N ILE B 127 9.57 -1.38 4.18
CA ILE B 127 9.80 0.04 4.42
C ILE B 127 8.70 0.63 5.31
N ASP B 128 7.49 0.12 5.14
CA ASP B 128 6.30 0.75 5.71
C ASP B 128 6.03 0.88 7.25
N SER B 129 5.65 -0.14 8.02
CA SER B 129 6.34 -1.38 8.44
C SER B 129 7.52 -1.13 9.38
N ASN B 130 8.63 -0.67 8.82
CA ASN B 130 9.80 -0.28 9.61
C ASN B 130 10.04 1.24 9.64
N LYS B 131 9.03 1.99 9.20
CA LYS B 131 9.03 3.47 9.25
C LYS B 131 10.24 4.08 8.54
N LEU B 132 10.42 3.71 7.27
CA LEU B 132 11.59 4.15 6.50
C LEU B 132 11.20 4.94 5.25
N GLU B 133 10.05 5.62 5.31
CA GLU B 133 9.58 6.50 4.22
C GLU B 133 10.60 7.61 3.97
N LYS B 134 11.03 8.25 5.06
CA LYS B 134 12.00 9.33 5.01
C LYS B 134 13.40 8.86 4.59
N ASN B 135 13.76 7.65 5.00
CA ASN B 135 15.07 7.07 4.73
C ASN B 135 15.30 6.76 3.25
N VAL B 136 14.24 6.35 2.57
CA VAL B 136 14.32 6.05 1.14
C VAL B 136 14.03 7.27 0.27
N GLY B 137 13.42 8.29 0.88
CA GLY B 137 13.15 9.58 0.23
C GLY B 137 12.38 9.50 -1.07
N LEU B 138 13.00 10.00 -2.14
CA LEU B 138 12.38 10.10 -3.46
C LEU B 138 12.02 8.73 -4.06
N ASN B 139 12.75 7.68 -3.66
CA ASN B 139 12.44 6.30 -4.08
C ASN B 139 11.00 5.89 -3.76
N TYR B 140 10.49 6.37 -2.63
CA TYR B 140 9.19 5.96 -2.11
C TYR B 140 8.03 6.23 -3.07
N LYS B 141 7.97 7.44 -3.61
CA LYS B 141 6.93 7.80 -4.56
C LYS B 141 7.28 7.42 -6.01
N GLN B 142 8.54 7.67 -6.39
CA GLN B 142 8.97 7.56 -7.79
C GLN B 142 9.28 6.14 -8.25
N ASN B 143 9.82 5.31 -7.36
CA ASN B 143 10.06 3.90 -7.68
C ASN B 143 8.85 3.01 -7.36
N GLN B 144 7.70 3.64 -7.13
CA GLN B 144 6.45 2.92 -6.92
C GLN B 144 5.77 2.58 -8.24
N LYS B 145 5.68 1.28 -8.51
CA LYS B 145 4.98 0.76 -9.67
C LYS B 145 3.76 -0.03 -9.20
N ASP B 146 2.59 0.58 -9.35
CA ASP B 146 1.31 0.03 -8.87
C ASP B 146 1.35 -0.30 -7.38
N GLY B 147 1.87 0.63 -6.58
CA GLY B 147 1.95 0.46 -5.13
C GLY B 147 3.04 -0.49 -4.65
N LYS B 148 3.93 -0.88 -5.57
CA LYS B 148 5.03 -1.79 -5.26
C LYS B 148 6.38 -1.13 -5.54
N ILE B 149 7.33 -1.30 -4.62
CA ILE B 149 8.69 -0.76 -4.80
C ILE B 149 9.69 -1.90 -4.97
N TYR B 150 10.30 -1.99 -6.15
CA TYR B 150 11.21 -3.08 -6.47
C TYR B 150 12.69 -2.73 -6.28
N THR B 151 12.98 -1.43 -6.16
CA THR B 151 14.36 -0.96 -6.04
C THR B 151 14.46 0.34 -5.24
N VAL B 152 15.54 0.46 -4.46
CA VAL B 152 15.82 1.68 -3.70
C VAL B 152 17.28 2.10 -3.92
N HIS B 153 17.45 3.28 -4.52
CA HIS B 153 18.77 3.85 -4.74
C HIS B 153 19.17 4.71 -3.54
N GLU B 154 20.24 4.32 -2.85
CA GLU B 154 20.74 5.07 -1.69
C GLU B 154 21.35 6.43 -2.03
N GLN B 155 21.69 6.61 -3.30
CA GLN B 155 22.14 7.89 -3.84
C GLN B 155 21.12 8.34 -4.88
N LEU B 156 20.62 9.55 -4.74
CA LEU B 156 19.62 10.07 -5.66
C LEU B 156 20.22 10.46 -7.01
N PHE B 157 19.48 10.21 -8.07
CA PHE B 157 19.89 10.59 -9.42
C PHE B 157 19.60 12.07 -9.66
N THR B 158 20.22 12.91 -8.81
CA THR B 158 20.07 14.35 -8.86
C THR B 158 21.08 14.91 -9.86
N MSE B 159 20.57 15.49 -10.95
CA MSE B 159 21.41 15.83 -12.08
C MSE B 159 21.10 17.18 -12.75
O MSE B 159 20.04 17.37 -13.33
CB MSE B 159 21.39 14.70 -13.11
CG MSE B 159 22.01 15.06 -14.45
SE MSE B 159 22.48 13.49 -15.50
CE MSE B 159 20.78 12.57 -15.44
N GLY B 160 22.06 18.10 -12.65
CA GLY B 160 22.12 19.27 -13.51
C GLY B 160 23.21 19.04 -14.54
N LEU B 161 24.09 20.03 -14.70
CA LEU B 161 25.23 19.87 -15.59
C LEU B 161 26.45 20.62 -15.05
N TRP B 162 27.58 20.51 -15.75
CA TRP B 162 28.79 21.21 -15.35
C TRP B 162 29.37 21.99 -16.53
N TYR B 163 29.92 23.17 -16.24
CA TYR B 163 30.52 24.00 -17.27
C TYR B 163 31.83 24.65 -16.82
N ASN B 164 32.70 24.93 -17.78
CA ASN B 164 33.96 25.64 -17.54
C ASN B 164 33.76 27.14 -17.65
N LYS B 165 33.84 27.83 -16.51
CA LYS B 165 33.63 29.28 -16.43
C LYS B 165 34.62 30.09 -17.28
N ASP B 166 35.86 29.61 -17.37
CA ASP B 166 36.91 30.30 -18.12
C ASP B 166 36.73 30.22 -19.62
N ILE B 167 36.37 29.04 -20.13
CA ILE B 167 36.11 28.82 -21.55
C ILE B 167 34.90 29.63 -22.02
N PHE B 168 33.84 29.66 -21.21
CA PHE B 168 32.64 30.46 -21.51
C PHE B 168 32.96 31.95 -21.57
N ALA B 169 33.71 32.44 -20.59
CA ALA B 169 34.10 33.85 -20.51
C ALA B 169 34.92 34.29 -21.72
N LYS B 170 35.86 33.44 -22.14
CA LYS B 170 36.72 33.70 -23.30
C LYS B 170 35.96 33.69 -24.63
N ALA B 171 34.95 32.83 -24.71
CA ALA B 171 34.12 32.72 -25.91
C ALA B 171 33.08 33.84 -25.98
N GLY B 172 32.86 34.53 -24.87
CA GLY B 172 31.78 35.49 -24.73
C GLY B 172 30.43 34.80 -24.77
N ALA B 173 30.37 33.58 -24.22
CA ALA B 173 29.18 32.75 -24.29
C ALA B 173 28.31 32.88 -23.04
N LYS B 174 26.99 32.90 -23.24
CA LYS B 174 26.03 32.89 -22.16
C LYS B 174 26.24 31.65 -21.28
N THR B 175 26.31 31.88 -19.97
CA THR B 175 26.48 30.79 -19.02
C THR B 175 25.12 30.10 -18.80
N PRO B 176 25.11 28.85 -18.32
CA PRO B 176 23.87 28.09 -18.09
C PRO B 176 22.70 28.83 -17.40
N ASP B 177 23.00 29.74 -16.48
CA ASP B 177 21.98 30.55 -15.81
C ASP B 177 21.33 31.58 -16.73
N GLN B 178 21.96 31.84 -17.87
CA GLN B 178 21.45 32.77 -18.87
C GLN B 178 20.69 32.06 -20.00
N TRP B 179 20.70 30.73 -19.99
CA TRP B 179 20.01 29.95 -21.03
C TRP B 179 18.51 29.85 -20.76
N ASN B 180 17.76 30.83 -21.26
CA ASN B 180 16.32 30.86 -21.11
C ASN B 180 15.61 30.01 -22.14
N THR B 181 16.25 29.84 -23.30
CA THR B 181 15.72 29.00 -24.37
C THR B 181 16.78 28.02 -24.88
N TRP B 182 16.33 27.04 -25.66
CA TRP B 182 17.22 26.09 -26.33
C TRP B 182 18.18 26.80 -27.28
N ASP B 183 17.69 27.82 -27.97
CA ASP B 183 18.50 28.61 -28.91
C ASP B 183 19.66 29.35 -28.22
N ASP B 184 19.45 29.78 -26.97
CA ASP B 184 20.52 30.39 -26.17
C ASP B 184 21.66 29.40 -25.93
N PHE B 185 21.30 28.16 -25.62
CA PHE B 185 22.25 27.06 -25.43
C PHE B 185 23.06 26.76 -26.70
N THR B 186 22.37 26.62 -27.84
CA THR B 186 23.01 26.32 -29.12
C THR B 186 23.88 27.46 -29.62
N GLN B 187 23.46 28.70 -29.35
CA GLN B 187 24.25 29.89 -29.68
C GLN B 187 25.51 30.00 -28.79
N ALA B 188 25.38 29.61 -27.52
CA ALA B 188 26.51 29.53 -26.60
C ALA B 188 27.51 28.46 -27.06
N MSE B 189 26.99 27.31 -27.46
CA MSE B 189 27.79 26.21 -28.00
C MSE B 189 28.52 26.58 -29.29
O MSE B 189 29.68 26.24 -29.46
CB MSE B 189 26.91 24.97 -28.23
CG MSE B 189 27.25 23.77 -27.35
SE MSE B 189 27.53 24.08 -25.44
CE MSE B 189 29.43 24.45 -25.37
N ALA B 190 27.82 27.27 -30.20
CA ALA B 190 28.42 27.77 -31.43
C ALA B 190 29.58 28.73 -31.19
N SER B 191 29.41 29.65 -30.23
CA SER B 191 30.45 30.60 -29.83
C SER B 191 31.72 29.92 -29.31
N ILE B 192 31.53 28.87 -28.52
CA ILE B 192 32.63 28.11 -27.92
C ILE B 192 33.42 27.32 -28.97
N ARG B 193 32.71 26.80 -29.96
CA ARG B 193 33.32 26.07 -31.08
C ARG B 193 34.16 26.97 -32.01
N LYS B 194 33.89 28.28 -31.99
CA LYS B 194 34.70 29.24 -32.75
C LYS B 194 36.12 29.33 -32.18
N GLN B 195 36.29 28.90 -30.93
CA GLN B 195 37.60 28.78 -30.30
C GLN B 195 38.15 27.40 -30.63
N ASP B 196 39.47 27.31 -30.81
CA ASP B 196 40.09 26.00 -31.06
C ASP B 196 40.84 25.46 -29.84
N GLY B 197 41.02 24.14 -29.82
CA GLY B 197 41.60 23.46 -28.67
C GLY B 197 40.53 22.80 -27.82
N VAL B 198 39.32 23.34 -27.89
CA VAL B 198 38.18 22.83 -27.12
C VAL B 198 37.01 22.40 -28.01
N TYR B 199 36.33 21.33 -27.59
CA TYR B 199 35.04 20.97 -28.17
C TYR B 199 33.94 21.33 -27.17
N ALA B 200 32.72 21.44 -27.67
CA ALA B 200 31.61 21.95 -26.86
C ALA B 200 31.26 21.01 -25.70
N PHE B 201 30.78 19.81 -26.05
CA PHE B 201 30.46 18.79 -25.06
C PHE B 201 30.69 17.39 -25.60
N GLY B 202 30.77 16.42 -24.69
CA GLY B 202 30.78 15.01 -25.08
C GLY B 202 29.37 14.54 -25.39
N ALA B 203 29.23 13.77 -26.46
CA ALA B 203 27.96 13.20 -26.85
C ALA B 203 27.99 11.66 -26.77
N GLY B 204 26.81 11.05 -26.77
CA GLY B 204 26.68 9.60 -26.52
C GLY B 204 25.64 9.43 -25.44
N GLU B 205 26.02 8.78 -24.34
CA GLU B 205 25.17 8.72 -23.14
C GLU B 205 24.74 10.13 -22.68
N PRO B 206 25.69 11.10 -22.57
CA PRO B 206 25.31 12.44 -22.11
C PRO B 206 24.26 13.17 -22.95
N SER B 207 24.10 12.79 -24.21
CA SER B 207 23.16 13.46 -25.09
C SER B 207 21.68 13.18 -24.76
N ILE B 208 21.40 12.06 -24.10
CA ILE B 208 20.03 11.75 -23.66
C ILE B 208 19.55 12.72 -22.56
N ARG B 209 20.51 13.29 -21.83
CA ARG B 209 20.22 14.28 -20.79
C ARG B 209 19.70 15.57 -21.42
N LEU B 210 20.16 15.88 -22.63
CA LEU B 210 19.64 17.00 -23.40
C LEU B 210 18.23 16.73 -23.90
N PHE B 211 17.99 15.52 -24.40
CA PHE B 211 16.66 15.09 -24.83
C PHE B 211 15.68 15.04 -23.65
N ASN B 212 16.12 14.46 -22.55
CA ASN B 212 15.32 14.33 -21.32
C ASN B 212 14.82 15.69 -20.82
N THR B 213 15.69 16.68 -20.87
CA THR B 213 15.39 18.00 -20.31
C THR B 213 14.67 18.93 -21.29
N VAL B 214 14.93 18.78 -22.59
CA VAL B 214 14.27 19.64 -23.59
C VAL B 214 12.82 19.23 -23.76
N LEU B 215 12.54 17.95 -23.52
CA LEU B 215 11.19 17.44 -23.50
C LEU B 215 10.40 18.07 -22.35
N GLY B 216 11.06 18.25 -21.21
CA GLY B 216 10.45 18.85 -20.04
C GLY B 216 10.25 20.37 -20.12
N THR B 217 10.38 20.91 -21.33
CA THR B 217 10.28 22.34 -21.56
C THR B 217 8.82 22.77 -21.83
N THR B 218 7.96 21.79 -22.11
CA THR B 218 6.52 22.00 -22.26
C THR B 218 5.73 21.08 -21.33
N GLU B 219 4.48 21.45 -21.07
CA GLU B 219 3.56 20.63 -20.26
C GLU B 219 3.35 19.25 -20.86
N ASN B 220 3.09 19.20 -22.17
CA ASN B 220 2.88 17.95 -22.89
C ASN B 220 4.08 17.00 -22.84
N GLY B 221 5.29 17.56 -22.88
CA GLY B 221 6.51 16.78 -22.76
C GLY B 221 6.76 16.26 -21.36
N ARG B 222 6.33 17.03 -20.35
CA ARG B 222 6.43 16.63 -18.94
C ARG B 222 5.52 15.45 -18.58
N LYS B 223 4.29 15.47 -19.09
CA LYS B 223 3.34 14.39 -18.80
C LYS B 223 3.68 13.10 -19.57
N LEU B 224 4.40 13.25 -20.67
CA LEU B 224 5.01 12.12 -21.39
C LEU B 224 5.97 11.35 -20.47
N LEU B 225 6.70 12.09 -19.64
CA LEU B 225 7.67 11.51 -18.71
C LEU B 225 7.05 11.16 -17.35
N ASP B 226 5.72 11.15 -17.28
CA ASP B 226 4.97 10.75 -16.09
C ASP B 226 4.51 9.29 -16.17
N LYS B 227 4.34 8.81 -17.41
CA LYS B 227 3.83 7.48 -17.66
C LYS B 227 4.83 6.69 -18.51
N PRO B 228 4.66 5.35 -18.59
CA PRO B 228 5.37 4.57 -19.61
C PRO B 228 5.13 5.11 -21.02
N LEU B 229 6.09 4.91 -21.92
CA LEU B 229 6.03 5.42 -23.28
C LEU B 229 5.00 4.69 -24.15
N THR B 230 4.21 5.46 -24.90
CA THR B 230 3.21 4.92 -25.82
C THR B 230 3.52 5.34 -27.26
N LYS B 231 2.92 4.65 -28.23
CA LYS B 231 3.12 4.94 -29.66
C LYS B 231 2.73 6.37 -30.03
N GLU B 232 1.60 6.82 -29.48
CA GLU B 232 1.12 8.19 -29.68
C GLU B 232 2.03 9.21 -28.97
N GLY B 233 2.65 8.78 -27.87
CA GLY B 233 3.63 9.61 -27.17
C GLY B 233 4.91 9.78 -27.96
N ILE B 234 5.30 8.74 -28.67
CA ILE B 234 6.46 8.77 -29.56
C ILE B 234 6.24 9.75 -30.74
N GLU B 235 5.05 10.35 -30.85
CA GLU B 235 4.59 10.83 -32.16
C GLU B 235 3.64 12.02 -32.41
N SER B 236 2.96 12.66 -31.44
CA SER B 236 3.49 13.62 -30.46
C SER B 236 4.61 14.52 -31.01
N LYS B 237 4.20 15.75 -31.35
CA LYS B 237 5.07 16.78 -31.91
C LYS B 237 6.21 17.13 -30.95
N GLU B 238 5.92 17.18 -29.66
CA GLU B 238 6.93 17.46 -28.62
C GLU B 238 8.06 16.43 -28.59
N PHE B 239 7.70 15.15 -28.72
CA PHE B 239 8.67 14.05 -28.80
C PHE B 239 9.54 14.17 -30.06
N ALA B 240 8.91 14.51 -31.18
CA ALA B 240 9.59 14.62 -32.47
C ALA B 240 10.49 15.85 -32.53
N ASP B 241 10.01 16.97 -31.98
CA ASP B 241 10.78 18.22 -31.94
C ASP B 241 12.01 18.11 -31.05
N ALA B 242 11.85 17.47 -29.89
CA ALA B 242 12.95 17.27 -28.95
C ALA B 242 14.06 16.45 -29.59
N LEU B 243 13.67 15.31 -30.17
CA LEU B 243 14.56 14.44 -30.92
C LEU B 243 15.36 15.22 -31.97
N LYS B 244 14.67 16.05 -32.74
CA LYS B 244 15.26 16.82 -33.84
C LYS B 244 16.20 17.93 -33.38
N MSE B 245 15.80 18.67 -32.35
CA MSE B 245 16.60 19.73 -31.76
C MSE B 245 17.95 19.23 -31.27
O MSE B 245 18.98 19.85 -31.54
CB MSE B 245 15.85 20.35 -30.57
CG MSE B 245 14.90 21.46 -30.92
SE MSE B 245 13.52 21.54 -29.54
CE MSE B 245 13.25 23.48 -29.45
N VAL B 246 17.92 18.10 -30.57
CA VAL B 246 19.12 17.50 -29.97
C VAL B 246 20.05 16.90 -31.02
N MSE B 247 19.47 16.16 -31.97
CA MSE B 247 20.23 15.57 -33.08
C MSE B 247 20.96 16.59 -33.95
O MSE B 247 22.07 16.34 -34.40
CB MSE B 247 19.31 14.70 -33.95
CG MSE B 247 18.93 13.37 -33.32
SE MSE B 247 17.68 12.39 -34.44
CE MSE B 247 17.77 10.68 -33.51
N LYS B 248 20.31 17.73 -34.18
CA LYS B 248 20.92 18.84 -34.90
C LYS B 248 22.12 19.42 -34.13
N GLU B 249 21.98 19.51 -32.82
CA GLU B 249 23.04 20.01 -31.96
C GLU B 249 24.19 19.01 -31.83
N ILE B 250 23.84 17.73 -31.75
CA ILE B 250 24.82 16.64 -31.70
C ILE B 250 25.62 16.56 -33.02
N GLN B 251 24.95 16.82 -34.14
CA GLN B 251 25.61 16.79 -35.44
C GLN B 251 26.54 18.00 -35.60
N ALA B 252 26.08 19.16 -35.14
CA ALA B 252 26.88 20.38 -35.09
C ALA B 252 28.06 20.25 -34.12
N ASN B 253 27.89 19.42 -33.09
CA ASN B 253 28.93 19.15 -32.09
C ASN B 253 30.11 18.36 -32.65
N GLY B 254 29.89 17.65 -33.76
CA GLY B 254 30.93 16.90 -34.44
C GLY B 254 30.88 15.42 -34.17
N SER B 255 31.01 14.62 -35.23
CA SER B 255 31.02 13.15 -35.16
C SER B 255 32.20 12.61 -34.34
N LYS B 256 33.28 13.39 -34.30
CA LYS B 256 34.48 13.10 -33.53
C LYS B 256 34.19 13.06 -32.01
N ASN B 257 33.16 13.78 -31.59
CA ASN B 257 32.90 13.99 -30.17
C ASN B 257 31.69 13.22 -29.60
N ALA B 258 31.30 12.14 -30.26
CA ALA B 258 30.17 11.32 -29.84
C ALA B 258 30.53 9.85 -29.53
N GLY B 259 31.83 9.55 -29.51
CA GLY B 259 32.28 8.19 -29.26
C GLY B 259 32.61 7.89 -27.81
N GLY B 260 31.62 8.02 -26.91
CA GLY B 260 31.82 7.65 -25.50
C GLY B 260 30.67 7.84 -24.53
N ASP B 261 30.86 7.34 -23.31
CA ASP B 261 29.93 7.59 -22.20
C ASP B 261 30.48 8.70 -21.28
N ALA B 262 29.68 9.09 -20.30
CA ALA B 262 30.04 10.16 -19.35
C ALA B 262 31.39 9.95 -18.67
N ASN B 263 31.72 8.70 -18.37
CA ASN B 263 32.96 8.35 -17.68
C ASN B 263 34.23 8.71 -18.47
N ALA B 264 34.15 8.66 -19.79
CA ALA B 264 35.29 8.91 -20.66
C ALA B 264 35.39 10.39 -21.07
N TYR B 265 34.35 11.17 -20.75
CA TYR B 265 34.34 12.60 -21.01
C TYR B 265 34.73 13.43 -19.80
N SER B 266 34.75 12.80 -18.63
CA SER B 266 35.08 13.46 -17.37
C SER B 266 36.49 14.00 -17.36
N LYS B 267 37.44 13.17 -17.81
CA LYS B 267 38.86 13.51 -17.84
C LYS B 267 39.13 14.76 -18.67
N ASP B 268 38.60 14.78 -19.89
CA ASP B 268 38.71 15.91 -20.81
C ASP B 268 38.21 17.20 -20.20
N PHE B 269 37.08 17.12 -19.49
CA PHE B 269 36.48 18.28 -18.84
C PHE B 269 37.34 18.80 -17.67
N GLN B 270 37.85 17.87 -16.86
CA GLN B 270 38.78 18.19 -15.77
C GLN B 270 40.03 18.89 -16.27
N GLU B 271 40.43 18.56 -17.50
CA GLU B 271 41.67 19.08 -18.09
C GLU B 271 41.44 20.32 -18.95
N GLY B 272 40.18 20.78 -19.03
CA GLY B 272 39.84 21.98 -19.78
C GLY B 272 39.76 21.80 -21.28
N LYS B 273 39.44 20.59 -21.71
CA LYS B 273 39.37 20.27 -23.15
C LYS B 273 37.95 20.38 -23.70
N SER B 274 36.95 20.46 -22.80
CA SER B 274 35.56 20.67 -23.18
C SER B 274 34.93 21.77 -22.35
N ALA B 275 33.81 22.32 -22.83
CA ALA B 275 33.15 23.46 -22.18
C ALA B 275 32.05 23.05 -21.21
N VAL B 276 31.29 22.02 -21.59
CA VAL B 276 30.20 21.54 -20.75
C VAL B 276 30.24 20.02 -20.60
N PHE B 277 29.75 19.55 -19.46
CA PHE B 277 29.77 18.14 -19.08
C PHE B 277 28.44 17.76 -18.44
N PHE B 278 27.69 16.93 -19.15
CA PHE B 278 26.37 16.51 -18.67
C PHE B 278 26.49 15.30 -17.72
N ASN B 279 26.66 15.60 -16.44
CA ASN B 279 26.70 14.57 -15.39
C ASN B 279 26.06 15.06 -14.10
N GLY B 280 25.75 14.13 -13.20
CA GLY B 280 25.03 14.46 -11.97
C GLY B 280 25.87 15.10 -10.89
N VAL B 281 25.23 15.40 -9.77
CA VAL B 281 25.88 16.08 -8.64
C VAL B 281 27.02 15.26 -8.04
N TRP B 282 26.92 13.94 -8.20
CA TRP B 282 27.92 13.00 -7.68
C TRP B 282 29.31 13.17 -8.30
N ALA B 283 29.39 13.96 -9.38
CA ALA B 283 30.65 14.27 -10.05
C ALA B 283 31.53 15.27 -9.26
N SER B 284 30.96 15.85 -8.21
CA SER B 284 31.57 16.93 -7.44
C SER B 284 32.99 16.68 -6.95
N GLY B 285 33.26 15.45 -6.48
CA GLY B 285 34.59 15.08 -5.98
C GLY B 285 35.67 15.12 -7.04
N GLU B 286 35.30 14.82 -8.28
CA GLU B 286 36.23 14.87 -9.41
C GLU B 286 36.31 16.28 -9.95
N MSE B 287 35.25 17.04 -9.71
CA MSE B 287 35.10 18.37 -10.28
C MSE B 287 35.79 19.45 -9.43
O MSE B 287 36.35 20.41 -9.98
CB MSE B 287 33.62 18.68 -10.47
CG MSE B 287 33.27 19.17 -11.87
SE MSE B 287 33.01 17.84 -13.29
CE MSE B 287 34.74 16.95 -13.35
N SER B 288 35.77 19.28 -8.10
CA SER B 288 36.33 20.26 -7.16
C SER B 288 37.84 20.48 -7.30
N LYS B 289 38.50 19.56 -8.00
CA LYS B 289 39.94 19.64 -8.26
C LYS B 289 40.29 20.82 -9.16
N ASN B 290 39.38 21.13 -10.08
CA ASN B 290 39.53 22.25 -10.99
C ASN B 290 38.52 23.35 -10.64
N PRO B 291 39.00 24.49 -10.10
CA PRO B 291 38.07 25.52 -9.64
C PRO B 291 37.42 26.33 -10.77
N SER B 292 37.82 26.07 -12.02
CA SER B 292 37.26 26.74 -13.19
C SER B 292 35.87 26.23 -13.57
N LEU B 293 35.50 25.07 -13.08
CA LEU B 293 34.25 24.44 -13.47
C LEU B 293 33.16 24.54 -12.39
N ALA B 294 31.92 24.73 -12.83
CA ALA B 294 30.83 25.09 -11.95
C ALA B 294 29.55 24.35 -12.31
N PRO B 295 28.67 24.14 -11.31
CA PRO B 295 27.38 23.54 -11.61
C PRO B 295 26.40 24.51 -12.29
N GLY B 296 25.59 23.97 -13.19
CA GLY B 296 24.46 24.69 -13.76
C GLY B 296 23.35 23.71 -14.03
N ILE B 297 22.26 24.18 -14.62
CA ILE B 297 21.20 23.29 -15.09
C ILE B 297 20.88 23.55 -16.57
N TYR B 298 19.85 22.89 -17.07
CA TYR B 298 19.53 22.87 -18.50
C TYR B 298 18.63 24.05 -18.90
N PRO B 299 18.61 24.41 -20.21
CA PRO B 299 17.81 25.54 -20.73
C PRO B 299 16.37 25.57 -20.23
N ALA B 300 15.87 26.78 -20.02
CA ALA B 300 14.52 27.04 -19.49
C ALA B 300 14.36 26.59 -18.03
N GLY B 301 15.47 26.54 -17.31
CA GLY B 301 15.49 26.20 -15.88
C GLY B 301 15.03 24.78 -15.55
N VAL B 302 15.41 23.82 -16.39
CA VAL B 302 15.05 22.42 -16.18
C VAL B 302 16.23 21.63 -15.61
N ALA B 303 15.94 20.73 -14.68
CA ALA B 303 16.93 19.81 -14.15
C ALA B 303 16.36 18.39 -14.07
N ILE B 304 17.25 17.41 -13.92
CA ILE B 304 16.82 16.03 -13.74
C ILE B 304 16.81 15.70 -12.24
N SER B 305 15.66 15.21 -11.78
CA SER B 305 15.53 14.71 -10.42
C SER B 305 14.75 13.41 -10.40
N SER B 306 15.49 12.30 -10.31
CA SER B 306 14.87 10.99 -10.18
C SER B 306 15.64 10.16 -9.16
N SER B 307 15.15 8.95 -8.93
CA SER B 307 15.75 8.05 -7.95
C SER B 307 16.86 7.24 -8.60
N GLY B 308 16.53 6.62 -9.73
CA GLY B 308 17.38 5.60 -10.34
C GLY B 308 17.06 4.24 -9.73
N GLY B 309 17.58 3.18 -10.34
CA GLY B 309 17.56 1.87 -9.72
C GLY B 309 18.71 1.78 -8.74
N GLY B 310 18.53 1.01 -7.68
CA GLY B 310 19.57 0.83 -6.68
C GLY B 310 19.59 -0.57 -6.14
N ILE B 311 19.45 -0.67 -4.82
CA ILE B 311 19.40 -1.95 -4.13
C ILE B 311 18.15 -2.74 -4.51
N THR B 312 18.37 -3.91 -5.10
CA THR B 312 17.33 -4.72 -5.69
C THR B 312 17.55 -6.15 -5.24
N ILE B 313 16.50 -6.79 -4.72
CA ILE B 313 16.66 -8.10 -4.09
C ILE B 313 15.79 -9.22 -4.69
N SER B 314 16.39 -10.40 -4.78
CA SER B 314 15.73 -11.60 -5.31
C SER B 314 14.54 -12.05 -4.46
N SER B 315 13.50 -12.52 -5.15
CA SER B 315 12.30 -13.09 -4.54
C SER B 315 12.47 -14.56 -4.15
N LYS B 316 13.51 -15.19 -4.70
CA LYS B 316 13.67 -16.63 -4.62
C LYS B 316 14.75 -17.08 -3.65
N MSE B 317 14.63 -16.61 -2.41
CA MSE B 317 15.61 -16.94 -1.37
C MSE B 317 14.93 -17.44 -0.10
O MSE B 317 13.74 -17.20 0.11
CB MSE B 317 16.46 -15.71 -1.06
CG MSE B 317 17.19 -15.12 -2.25
SE MSE B 317 18.45 -13.74 -1.71
CE MSE B 317 17.22 -12.47 -0.88
N SER B 318 15.72 -18.12 0.74
CA SER B 318 15.25 -18.55 2.05
C SER B 318 14.89 -17.34 2.93
N GLU B 319 14.08 -17.57 3.95
CA GLU B 319 13.61 -16.51 4.85
C GLU B 319 14.76 -15.74 5.49
N ALA B 320 15.81 -16.46 5.89
CA ALA B 320 16.93 -15.88 6.62
C ALA B 320 17.78 -14.90 5.79
N LYS B 321 18.03 -15.23 4.52
CA LYS B 321 18.82 -14.36 3.66
C LYS B 321 18.01 -13.26 2.99
N GLN B 322 16.69 -13.46 2.91
CA GLN B 322 15.78 -12.39 2.51
C GLN B 322 15.71 -11.29 3.58
N LYS B 323 15.67 -11.69 4.85
CA LYS B 323 15.61 -10.70 5.94
C LYS B 323 16.95 -10.01 6.21
N LEU B 324 18.06 -10.68 5.92
CA LEU B 324 19.38 -10.05 5.97
C LEU B 324 19.56 -9.04 4.83
N ALA B 325 18.98 -9.35 3.67
CA ALA B 325 19.01 -8.44 2.51
C ALA B 325 18.22 -7.16 2.78
N LEU B 326 17.07 -7.30 3.44
CA LEU B 326 16.26 -6.16 3.84
C LEU B 326 16.94 -5.38 4.96
N GLU B 327 17.67 -6.09 5.82
CA GLU B 327 18.54 -5.46 6.82
C GLU B 327 19.64 -4.61 6.15
N PHE B 328 20.13 -5.08 5.00
CA PHE B 328 21.13 -4.34 4.23
C PHE B 328 20.57 -3.07 3.59
N LEU B 329 19.34 -3.16 3.10
CA LEU B 329 18.60 -1.99 2.62
C LEU B 329 18.43 -0.95 3.75
N LYS B 330 18.01 -1.43 4.92
CA LYS B 330 17.88 -0.64 6.14
C LYS B 330 19.20 0.05 6.52
N TYR B 331 20.29 -0.70 6.42
CA TYR B 331 21.64 -0.22 6.75
C TYR B 331 22.11 0.89 5.79
N MSE B 332 22.04 0.62 4.49
CA MSE B 332 22.51 1.56 3.46
C MSE B 332 21.71 2.85 3.45
O MSE B 332 22.13 3.86 2.89
CB MSE B 332 22.45 0.92 2.08
CG MSE B 332 23.51 -0.13 1.83
SE MSE B 332 25.28 0.53 2.23
CE MSE B 332 25.57 1.75 0.74
N THR B 333 20.57 2.81 4.13
CA THR B 333 19.57 3.87 4.08
C THR B 333 19.42 4.54 5.46
N SER B 334 20.27 4.11 6.40
CA SER B 334 20.27 4.64 7.76
C SER B 334 20.93 6.02 7.87
N ASP B 335 20.61 6.73 8.94
CA ASP B 335 21.11 8.10 9.19
C ASP B 335 22.63 8.22 9.12
N ASP B 336 23.32 7.28 9.76
CA ASP B 336 24.78 7.31 9.87
C ASP B 336 25.49 7.00 8.54
N VAL B 337 24.94 6.06 7.78
CA VAL B 337 25.51 5.68 6.49
C VAL B 337 25.27 6.77 5.44
N GLN B 338 24.09 7.37 5.48
CA GLN B 338 23.75 8.48 4.57
C GLN B 338 24.56 9.75 4.77
N LYS B 339 25.01 9.99 6.01
CA LYS B 339 25.94 11.07 6.31
C LYS B 339 27.28 10.83 5.62
N VAL B 340 27.71 9.57 5.60
CA VAL B 340 28.90 9.15 4.85
C VAL B 340 28.65 9.27 3.35
N ILE B 341 27.43 8.96 2.91
CA ILE B 341 27.03 9.10 1.51
C ILE B 341 27.15 10.56 1.03
N PHE B 342 26.86 11.52 1.90
CA PHE B 342 27.02 12.93 1.55
C PHE B 342 28.44 13.46 1.72
N GLU B 343 29.07 13.15 2.85
CA GLU B 343 30.36 13.74 3.23
C GLU B 343 31.60 13.08 2.60
N LYS B 344 31.64 11.74 2.59
CA LYS B 344 32.79 11.00 2.05
C LYS B 344 32.58 10.67 0.57
N VAL B 345 31.47 10.00 0.29
CA VAL B 345 30.96 9.87 -1.06
C VAL B 345 30.39 11.24 -1.38
N GLY B 346 30.74 11.81 -2.53
CA GLY B 346 30.26 13.14 -2.84
C GLY B 346 28.93 13.07 -3.57
N ALA B 347 27.93 12.48 -2.94
CA ALA B 347 26.63 12.24 -3.60
C ALA B 347 25.45 12.74 -2.77
N ASN B 348 24.29 12.83 -3.43
CA ASN B 348 23.06 13.25 -2.80
C ASN B 348 22.36 12.07 -2.11
N PRO B 349 22.28 12.11 -0.76
CA PRO B 349 21.68 11.01 0.00
C PRO B 349 20.18 10.89 -0.24
N SER B 350 19.66 9.67 -0.20
CA SER B 350 18.23 9.41 -0.33
C SER B 350 17.51 9.77 0.96
N ASN B 351 18.22 9.66 2.07
CA ASN B 351 17.68 9.92 3.41
C ASN B 351 17.45 11.41 3.64
N GLU B 352 16.17 11.78 3.80
CA GLU B 352 15.78 13.18 3.97
C GLU B 352 16.02 13.72 5.37
N ASN B 353 16.50 12.85 6.27
CA ASN B 353 16.92 13.26 7.61
C ASN B 353 18.32 13.88 7.61
N VAL B 354 19.07 13.64 6.54
CA VAL B 354 20.41 14.23 6.38
C VAL B 354 20.29 15.66 5.86
N ASN B 355 20.71 16.61 6.67
CA ASN B 355 20.65 18.03 6.33
C ASN B 355 21.80 18.43 5.41
N VAL B 356 21.56 18.30 4.10
CA VAL B 356 22.55 18.58 3.06
C VAL B 356 23.06 20.03 3.09
N LYS B 357 22.13 20.99 3.27
CA LYS B 357 22.49 22.40 3.32
C LYS B 357 23.34 22.74 4.54
N GLU B 358 22.89 22.30 5.71
CA GLU B 358 23.60 22.53 6.97
C GLU B 358 24.96 21.86 6.98
N LEU B 359 25.04 20.67 6.39
CA LEU B 359 26.30 19.96 6.26
C LEU B 359 27.25 20.67 5.29
N SER B 360 26.69 21.25 4.22
CA SER B 360 27.46 22.09 3.31
C SER B 360 27.89 23.37 4.00
N GLU B 361 26.99 23.95 4.80
CA GLU B 361 27.28 25.13 5.63
C GLU B 361 28.57 24.92 6.42
N LYS B 362 28.56 23.87 7.24
CA LYS B 362 29.58 23.64 8.26
C LYS B 362 30.83 22.89 7.78
N SER B 363 30.92 22.66 6.48
CA SER B 363 32.08 21.96 5.89
C SER B 363 33.14 22.91 5.35
N SER B 364 34.40 22.49 5.49
CA SER B 364 35.54 23.22 4.92
C SER B 364 35.99 22.58 3.60
N GLU B 365 35.32 21.49 3.23
CA GLU B 365 35.66 20.74 2.01
C GLU B 365 35.10 21.40 0.76
N ALA B 366 35.96 21.55 -0.25
CA ALA B 366 35.57 22.12 -1.54
C ALA B 366 34.55 21.24 -2.26
N THR B 367 34.73 19.93 -2.12
CA THR B 367 33.82 18.94 -2.70
C THR B 367 32.40 19.10 -2.17
N THR B 368 32.28 19.17 -0.86
CA THR B 368 30.98 19.33 -0.18
C THR B 368 30.32 20.67 -0.50
N LYS B 369 31.14 21.70 -0.74
CA LYS B 369 30.66 23.04 -1.11
C LYS B 369 29.93 23.08 -2.45
N ILE B 370 30.58 22.65 -3.53
CA ILE B 370 29.93 22.65 -4.85
C ILE B 370 28.88 21.54 -5.00
N LEU B 371 29.01 20.50 -4.18
CA LEU B 371 27.99 19.45 -4.09
C LEU B 371 26.67 20.06 -3.64
N GLY B 372 26.72 20.77 -2.51
CA GLY B 372 25.56 21.47 -1.97
C GLY B 372 25.02 22.53 -2.93
N GLN B 373 25.92 23.19 -3.64
CA GLN B 373 25.55 24.18 -4.66
C GLN B 373 24.82 23.53 -5.83
N ALA B 374 25.34 22.38 -6.27
CA ALA B 374 24.74 21.62 -7.37
C ALA B 374 23.37 21.08 -7.01
N ILE B 375 23.23 20.55 -5.79
CA ILE B 375 21.95 20.04 -5.30
C ILE B 375 20.88 21.14 -5.17
N THR B 376 21.28 22.28 -4.60
CA THR B 376 20.38 23.45 -4.44
C THR B 376 19.83 23.96 -5.78
N GLN B 377 20.66 23.92 -6.83
CA GLN B 377 20.25 24.30 -8.18
C GLN B 377 19.11 23.43 -8.72
N VAL B 378 19.24 22.12 -8.53
CA VAL B 378 18.24 21.16 -8.99
C VAL B 378 16.96 21.27 -8.16
N LYS B 379 17.12 21.44 -6.85
CA LYS B 379 16.01 21.64 -5.92
C LYS B 379 15.21 22.92 -6.19
N ASN B 380 15.86 23.89 -6.84
CA ASN B 380 15.24 25.18 -7.15
C ASN B 380 15.02 25.43 -8.64
N ALA B 381 15.06 24.36 -9.43
CA ALA B 381 14.75 24.41 -10.86
C ALA B 381 13.29 24.77 -11.08
N LYS B 382 13.02 25.47 -12.19
CA LYS B 382 11.66 25.85 -12.57
C LYS B 382 10.81 24.61 -12.87
N ALA B 383 11.45 23.62 -13.49
CA ALA B 383 10.81 22.34 -13.76
C ALA B 383 11.81 21.22 -13.50
N VAL B 384 11.32 20.09 -13.03
CA VAL B 384 12.17 18.94 -12.77
C VAL B 384 11.56 17.66 -13.38
N VAL B 385 12.38 16.90 -14.10
CA VAL B 385 11.94 15.69 -14.78
C VAL B 385 12.65 14.44 -14.25
N PRO B 386 12.00 13.26 -14.35
CA PRO B 386 12.70 12.01 -14.06
C PRO B 386 13.51 11.55 -15.27
N THR B 387 14.39 10.57 -15.08
CA THR B 387 15.15 10.01 -16.19
C THR B 387 14.27 9.13 -17.09
N VAL B 388 14.55 9.18 -18.39
CA VAL B 388 13.93 8.29 -19.38
C VAL B 388 14.01 6.84 -18.92
N SER B 389 15.17 6.47 -18.37
CA SER B 389 15.43 5.12 -17.85
C SER B 389 14.45 4.69 -16.74
N ASP B 390 14.14 5.59 -15.82
CA ASP B 390 13.25 5.29 -14.69
C ASP B 390 11.80 5.09 -15.10
N VAL B 391 11.33 5.96 -15.98
CA VAL B 391 9.93 6.02 -16.36
C VAL B 391 9.61 5.17 -17.59
N TRP B 392 10.55 5.08 -18.55
CA TRP B 392 10.32 4.32 -19.78
C TRP B 392 11.10 3.01 -19.88
N GLY B 393 12.01 2.78 -18.93
CA GLY B 393 12.77 1.53 -18.88
C GLY B 393 14.13 1.60 -19.54
N GLY B 394 14.98 0.60 -19.26
CA GLY B 394 16.35 0.53 -19.77
C GLY B 394 16.50 0.35 -21.28
N ASP B 395 15.56 -0.36 -21.89
CA ASP B 395 15.58 -0.61 -23.34
C ASP B 395 15.34 0.66 -24.16
N VAL B 396 14.39 1.47 -23.72
CA VAL B 396 14.07 2.75 -24.37
C VAL B 396 15.26 3.71 -24.23
N HIS B 397 15.81 3.77 -23.01
CA HIS B 397 17.03 4.50 -22.69
C HIS B 397 18.16 4.21 -23.70
N THR B 398 18.54 2.92 -23.81
CA THR B 398 19.62 2.47 -24.69
C THR B 398 19.34 2.78 -26.17
N ALA B 399 18.11 2.52 -26.62
CA ALA B 399 17.70 2.80 -28.00
C ALA B 399 17.83 4.28 -28.37
N ILE B 400 17.37 5.15 -27.47
CA ILE B 400 17.48 6.60 -27.66
C ILE B 400 18.94 7.07 -27.68
N ILE B 401 19.75 6.56 -26.75
CA ILE B 401 21.20 6.85 -26.71
C ILE B 401 21.89 6.46 -28.02
N ASN B 402 21.60 5.26 -28.52
CA ASN B 402 22.15 4.79 -29.80
C ASN B 402 21.76 5.66 -30.99
N ALA B 403 20.49 6.04 -31.04
CA ALA B 403 19.96 6.91 -32.11
C ALA B 403 20.60 8.31 -32.10
N LEU B 404 20.75 8.87 -30.91
CA LEU B 404 21.41 10.17 -30.74
C LEU B 404 22.89 10.13 -31.09
N THR B 405 23.55 9.01 -30.76
CA THR B 405 24.96 8.78 -31.09
C THR B 405 25.16 8.66 -32.62
N GLU B 406 24.31 7.87 -33.26
CA GLU B 406 24.35 7.66 -34.70
C GLU B 406 24.12 8.95 -35.49
N SER B 407 23.32 9.87 -34.92
CA SER B 407 22.97 11.13 -35.57
C SER B 407 24.13 12.12 -35.68
N ALA B 408 25.21 11.86 -34.95
CA ALA B 408 26.41 12.70 -34.98
C ALA B 408 27.14 12.59 -36.32
N ALA B 409 26.98 11.46 -37.00
CA ALA B 409 27.57 11.24 -38.31
C ALA B 409 27.17 12.35 -39.28
N GLU B 410 28.16 12.88 -40.00
CA GLU B 410 28.01 14.07 -40.83
C GLU B 410 27.12 13.84 -42.06
N ASN B 411 26.88 12.58 -42.40
CA ASN B 411 26.11 12.19 -43.59
C ASN B 411 24.67 11.75 -43.29
N VAL B 412 24.24 11.91 -42.04
CA VAL B 412 22.90 11.53 -41.63
C VAL B 412 21.96 12.72 -41.75
N ASP B 413 20.84 12.52 -42.45
CA ASP B 413 19.78 13.52 -42.52
C ASP B 413 18.96 13.44 -41.23
N VAL B 414 18.83 14.58 -40.55
CA VAL B 414 18.15 14.64 -39.24
C VAL B 414 16.66 14.27 -39.33
N ASP B 415 15.98 14.81 -40.34
CA ASP B 415 14.54 14.58 -40.53
C ASP B 415 14.16 13.10 -40.61
N GLN B 416 14.84 12.36 -41.49
CA GLN B 416 14.55 10.95 -41.66
C GLN B 416 15.14 10.07 -40.55
N LYS B 417 16.15 10.60 -39.87
CA LYS B 417 16.70 9.94 -38.69
C LYS B 417 15.70 10.00 -37.53
N VAL B 418 15.08 11.16 -37.34
CA VAL B 418 14.00 11.33 -36.36
C VAL B 418 12.89 10.31 -36.63
N LYS B 419 12.45 10.23 -37.88
CA LYS B 419 11.39 9.31 -38.30
C LYS B 419 11.77 7.84 -38.06
N SER B 420 13.00 7.47 -38.40
CA SER B 420 13.46 6.10 -38.24
C SER B 420 13.71 5.75 -36.77
N THR B 421 14.08 6.76 -35.98
CA THR B 421 14.22 6.61 -34.53
C THR B 421 12.86 6.32 -33.89
N GLN B 422 11.84 7.07 -34.27
CA GLN B 422 10.49 6.81 -33.76
C GLN B 422 9.90 5.49 -34.29
N ASP B 423 10.38 5.03 -35.45
CA ASP B 423 10.03 3.71 -35.97
C ASP B 423 10.62 2.59 -35.08
N VAL B 424 11.85 2.80 -34.61
CA VAL B 424 12.55 1.86 -33.73
C VAL B 424 11.89 1.78 -32.35
N LEU B 425 11.46 2.91 -31.81
CA LEU B 425 10.83 2.97 -30.49
C LEU B 425 9.47 2.28 -30.42
N LYS B 426 8.68 2.40 -31.48
CA LYS B 426 7.36 1.76 -31.57
C LYS B 426 7.44 0.23 -31.55
N SER B 427 8.46 -0.31 -32.20
CA SER B 427 8.68 -1.76 -32.29
C SER B 427 9.00 -2.41 -30.94
N LEU B 428 9.63 -1.66 -30.05
CA LEU B 428 10.02 -2.18 -28.72
C LEU B 428 9.02 -1.85 -27.62
C1 GAL C . -23.83 -11.55 6.61
C2 GAL C . -22.81 -12.20 7.54
C3 GAL C . -23.05 -11.80 9.00
C4 GAL C . -23.24 -10.29 9.15
C5 GAL C . -24.32 -9.82 8.16
C6 GAL C . -24.61 -8.32 8.22
O1 GAL C . -23.40 -11.71 5.28
O2 GAL C . -22.91 -13.61 7.40
O3 GAL C . -22.00 -12.26 9.81
O4 GAL C . -22.00 -9.64 8.91
O5 GAL C . -23.93 -10.16 6.84
O6 GAL C . -25.90 -8.07 7.69
C1 FUC C . -21.66 -14.27 7.11
C2 FUC C . -21.87 -15.78 7.02
C3 FUC C . -22.61 -16.11 5.72
C4 FUC C . -21.80 -15.61 4.53
C5 FUC C . -21.53 -14.12 4.70
C6 FUC C . -20.62 -13.55 3.61
O2 FUC C . -22.64 -16.22 8.12
O3 FUC C . -22.86 -17.50 5.62
O4 FUC C . -20.58 -16.32 4.41
O5 FUC C . -20.95 -13.82 5.96
O5 A2G C . -23.28 -13.45 11.43
C1 A2G C . -22.14 -12.62 11.08
C2 A2G C . -20.92 -13.19 11.80
N2 A2G C . -19.71 -12.44 11.47
C3 A2G C . -20.70 -14.65 11.37
O3 A2G C . -19.50 -15.16 11.96
C4 A2G C . -21.92 -15.50 11.71
O4 A2G C . -22.09 -15.56 13.14
C5 A2G C . -23.16 -14.88 11.06
C6 A2G C . -24.44 -15.63 11.44
O6 A2G C . -25.55 -14.92 10.90
C7 A2G C . -18.92 -11.93 12.41
O7 A2G C . -19.13 -12.00 13.62
C8 A2G C . -17.70 -11.20 11.86
C1 GAL D . 27.38 6.65 -9.24
C2 GAL D . 26.99 5.96 -10.55
C3 GAL D . 26.13 6.96 -11.33
C4 GAL D . 24.94 7.46 -10.49
C5 GAL D . 25.42 7.95 -9.13
C6 GAL D . 24.31 8.40 -8.18
O1 GAL D . 28.22 5.83 -8.48
O2 GAL D . 28.18 5.63 -11.23
O3 GAL D . 25.69 6.44 -12.56
O4 GAL D . 24.01 6.42 -10.34
O5 GAL D . 26.20 6.94 -8.50
O6 GAL D . 24.87 9.21 -7.17
C1 FUC D . 28.19 4.32 -11.84
C2 FUC D . 29.50 4.13 -12.62
C3 FUC D . 30.66 3.90 -11.66
C4 FUC D . 30.35 2.70 -10.78
C5 FUC D . 29.05 2.97 -10.03
C6 FUC D . 28.67 1.82 -9.11
O2 FUC D . 29.78 5.25 -13.42
O3 FUC D . 31.86 3.73 -12.35
O4 FUC D . 30.21 1.53 -11.57
O5 FUC D . 28.01 3.21 -10.96
O5 A2G D . 26.64 8.26 -13.86
C1 A2G D . 25.61 7.25 -13.61
C2 A2G D . 25.29 6.55 -14.93
N2 A2G D . 24.22 5.53 -14.77
C3 A2G D . 26.55 5.90 -15.51
O3 A2G D . 26.25 5.25 -16.73
C4 A2G D . 27.66 6.95 -15.70
O4 A2G D . 27.32 7.87 -16.73
C5 A2G D . 27.90 7.70 -14.37
C6 A2G D . 28.95 8.80 -14.48
O6 A2G D . 29.14 9.37 -13.19
C7 A2G D . 23.04 5.64 -15.39
O7 A2G D . 22.71 6.57 -16.11
C8 A2G D . 22.08 4.50 -15.12
I IOD E . -29.57 -17.07 10.92
I IOD F . 32.94 12.26 -12.98
#